data_6N4I
#
_entry.id   6N4I
#
_cell.length_a   221.220
_cell.length_b   123.530
_cell.length_c   123.990
_cell.angle_alpha   90.00
_cell.angle_beta   124.00
_cell.angle_gamma   90.00
#
_symmetry.space_group_name_H-M   'C 1 2 1'
#
loop_
_entity.id
_entity.type
_entity.pdbx_description
1 polymer 'Nav1.7 VSD2-NavAb channel chimera protein'
2 polymer Beta/omega-theraphotoxin-Tp2a
3 non-polymer '[(2~{R})-1-[2-azanylethoxy(oxidanyl)phosphoryl]oxy-3-hexadecanoyloxy-propan-2-yl] (~{Z})-octadec-9-enoate'
#
loop_
_entity_poly.entity_id
_entity_poly.type
_entity_poly.pdbx_seq_one_letter_code
_entity_poly.pdbx_strand_id
1 'polypeptide(L)'
;MDYKDDDDKGSLVPRGSHMYLRITNIVESSFFTKFIIYLIVLNTLFMAMEHHPMTEEFKNVLAIGNLVFTGIFAIEIILR
IYVHRISFFKDPWSLFDSLIVTLSLVELFLADVEGLSVLRSFRLLRVFRLVTAVPQMRKIVSALISVIPGMLSVIALMTL
FFYIFAIMATQLFGERFPEWFGTLGESFYTLFQVMTLESWSMGIVRPLMEVYPYAWVFFIPFIFVVTFVMINLVVAICVD
AMAILNQKEEQHIIDEVQSHEDNINNEIIKLREEIVELKELIKTSLKN
;
A,B,C,D
2 'polypeptide(L)' YCQKWMWTCDSERKCCEGMVCRLWCKKKLW E,F,G,H
#
loop_
_chem_comp.id
_chem_comp.type
_chem_comp.name
_chem_comp.formula
6OU non-polymer '[(2~{R})-1-[2-azanylethoxy(oxidanyl)phosphoryl]oxy-3-hexadecanoyloxy-propan-2-yl] (~{Z})-octadec-9-enoate' 'C39 H76 N O8 P'
#
# COMPACT_ATOMS: atom_id res chain seq x y z
N SER A 17 -7.33 61.18 4.16
CA SER A 17 -7.93 59.88 3.89
C SER A 17 -8.20 59.68 2.40
N HIS A 18 -7.91 60.70 1.59
CA HIS A 18 -8.11 60.58 0.15
C HIS A 18 -7.08 59.63 -0.47
N MET A 19 -5.79 59.85 -0.17
CA MET A 19 -4.77 58.93 -0.65
C MET A 19 -4.93 57.55 -0.02
N TYR A 20 -5.22 57.51 1.28
CA TYR A 20 -5.50 56.25 1.95
C TYR A 20 -6.66 55.54 1.30
N LEU A 21 -7.72 56.28 0.96
CA LEU A 21 -8.89 55.68 0.33
C LEU A 21 -8.57 55.14 -1.06
N ARG A 22 -7.78 55.88 -1.83
CA ARG A 22 -7.37 55.39 -3.15
C ARG A 22 -6.55 54.11 -3.01
N ILE A 23 -5.59 54.12 -2.07
CA ILE A 23 -4.76 52.95 -1.83
C ILE A 23 -5.61 51.75 -1.45
N THR A 24 -6.62 51.95 -0.59
CA THR A 24 -7.49 50.85 -0.18
C THR A 24 -8.31 50.32 -1.36
N ASN A 25 -8.85 51.22 -2.18
CA ASN A 25 -9.56 50.77 -3.38
C ASN A 25 -8.64 49.90 -4.23
N ILE A 26 -7.38 50.31 -4.35
CA ILE A 26 -6.42 49.52 -5.13
C ILE A 26 -6.21 48.15 -4.49
N VAL A 27 -6.02 48.11 -3.17
CA VAL A 27 -5.68 46.86 -2.49
C VAL A 27 -6.83 45.86 -2.58
N GLU A 28 -8.05 46.30 -2.29
CA GLU A 28 -9.18 45.37 -2.26
C GLU A 28 -9.74 45.05 -3.64
N SER A 29 -9.47 45.90 -4.63
CA SER A 29 -9.87 45.62 -6.00
C SER A 29 -9.39 44.23 -6.42
N SER A 30 -10.29 43.46 -7.03
CA SER A 30 -9.92 42.16 -7.57
C SER A 30 -8.69 42.26 -8.46
N PHE A 31 -8.51 43.40 -9.14
CA PHE A 31 -7.38 43.57 -10.03
C PHE A 31 -6.06 43.40 -9.30
N PHE A 32 -5.93 44.00 -8.10
CA PHE A 32 -4.66 43.93 -7.38
C PHE A 32 -4.37 42.49 -6.94
N THR A 33 -5.39 41.81 -6.41
CA THR A 33 -5.22 40.43 -5.95
C THR A 33 -4.83 39.53 -7.12
N LYS A 34 -5.52 39.67 -8.25
CA LYS A 34 -5.19 38.86 -9.42
C LYS A 34 -3.80 39.21 -9.95
N PHE A 35 -3.41 40.48 -9.89
CA PHE A 35 -2.08 40.86 -10.32
C PHE A 35 -1.04 40.15 -9.48
N ILE A 36 -1.23 40.18 -8.16
CA ILE A 36 -0.29 39.48 -7.28
C ILE A 36 -0.30 37.99 -7.59
N ILE A 37 -1.47 37.41 -7.79
CA ILE A 37 -1.54 35.96 -8.05
C ILE A 37 -0.76 35.60 -9.29
N TYR A 38 -0.99 36.33 -10.39
CA TYR A 38 -0.27 36.03 -11.62
C TYR A 38 1.21 36.31 -11.47
N LEU A 39 1.56 37.35 -10.73
CA LEU A 39 2.97 37.61 -10.48
C LEU A 39 3.60 36.45 -9.73
N ILE A 40 2.89 35.94 -8.71
CA ILE A 40 3.38 34.83 -7.93
C ILE A 40 3.54 33.59 -8.80
N VAL A 41 2.55 33.31 -9.65
CA VAL A 41 2.61 32.15 -10.53
C VAL A 41 3.77 32.28 -11.50
N LEU A 42 3.97 33.49 -12.03
CA LEU A 42 5.09 33.72 -12.93
C LEU A 42 6.40 33.50 -12.21
N ASN A 43 6.55 34.07 -11.01
CA ASN A 43 7.73 33.81 -10.20
C ASN A 43 7.88 32.32 -9.95
N THR A 44 6.76 31.61 -9.79
CA THR A 44 6.79 30.19 -9.50
C THR A 44 7.33 29.41 -10.68
N LEU A 45 6.82 29.70 -11.87
CA LEU A 45 7.39 29.12 -13.08
C LEU A 45 8.86 29.47 -13.22
N PHE A 46 9.21 30.69 -12.80
CA PHE A 46 10.58 31.17 -12.92
C PHE A 46 11.53 30.33 -12.08
N MET A 47 11.22 30.17 -10.80
CA MET A 47 12.05 29.34 -9.92
C MET A 47 11.94 27.86 -10.31
N ALA A 48 10.75 27.43 -10.72
CA ALA A 48 10.53 26.04 -11.10
C ALA A 48 11.47 25.62 -12.21
N MET A 49 11.60 26.45 -13.25
CA MET A 49 12.45 26.09 -14.37
C MET A 49 13.91 26.18 -13.93
N GLU A 50 14.24 25.49 -12.85
CA GLU A 50 15.57 25.50 -12.26
C GLU A 50 16.07 24.07 -12.27
N HIS A 51 17.20 23.85 -12.94
CA HIS A 51 17.85 22.55 -12.99
C HIS A 51 19.19 22.71 -12.31
N HIS A 52 19.38 22.01 -11.20
CA HIS A 52 20.56 22.30 -10.41
C HIS A 52 21.82 21.91 -11.17
N PRO A 53 21.81 20.87 -12.02
CA PRO A 53 23.00 20.59 -12.81
C PRO A 53 23.29 21.69 -13.82
N MET A 54 23.49 22.91 -13.32
CA MET A 54 23.79 24.05 -14.17
C MET A 54 25.03 24.77 -13.66
N THR A 55 24.90 25.51 -12.56
CA THR A 55 25.97 26.41 -12.12
C THR A 55 26.27 27.39 -13.25
N GLU A 56 25.21 27.66 -14.02
CA GLU A 56 25.22 28.46 -15.22
C GLU A 56 24.64 29.82 -14.90
N GLU A 57 25.27 30.88 -15.42
CA GLU A 57 24.74 32.24 -15.33
C GLU A 57 23.22 32.27 -15.18
N PHE A 58 22.54 31.22 -15.65
CA PHE A 58 21.13 31.00 -15.36
C PHE A 58 20.84 31.00 -13.87
N LYS A 59 21.67 30.29 -13.09
CA LYS A 59 21.48 30.25 -11.65
C LYS A 59 21.55 31.65 -11.05
N ASN A 60 22.52 32.44 -11.48
CA ASN A 60 22.65 33.81 -10.99
C ASN A 60 21.43 34.65 -11.37
N VAL A 61 20.95 34.49 -12.61
CA VAL A 61 19.78 35.24 -13.06
C VAL A 61 18.56 34.91 -12.23
N LEU A 62 18.43 33.64 -11.84
CA LEU A 62 17.30 33.27 -10.97
C LEU A 62 17.28 34.12 -9.71
N ALA A 63 18.45 34.37 -9.12
CA ALA A 63 18.52 35.21 -7.93
C ALA A 63 18.01 36.62 -8.22
N ILE A 64 18.37 37.17 -9.39
CA ILE A 64 17.89 38.50 -9.79
C ILE A 64 16.38 38.52 -9.87
N GLY A 65 15.80 37.53 -10.58
CA GLY A 65 14.36 37.47 -10.68
C GLY A 65 13.70 37.39 -9.32
N ASN A 66 14.19 36.48 -8.46
CA ASN A 66 13.69 36.39 -7.10
C ASN A 66 13.78 37.74 -6.41
N LEU A 67 14.88 38.45 -6.60
CA LEU A 67 15.04 39.78 -6.00
C LEU A 67 13.87 40.69 -6.37
N VAL A 68 13.59 40.79 -7.66
CA VAL A 68 12.53 41.71 -8.09
C VAL A 68 11.19 41.29 -7.51
N PHE A 69 10.86 40.00 -7.61
CA PHE A 69 9.56 39.55 -7.12
C PHE A 69 9.43 39.81 -5.62
N THR A 70 10.50 39.58 -4.87
CA THR A 70 10.46 39.80 -3.44
C THR A 70 10.24 41.27 -3.13
N GLY A 71 10.91 42.16 -3.87
CA GLY A 71 10.68 43.58 -3.67
C GLY A 71 9.24 43.96 -3.92
N ILE A 72 8.66 43.44 -5.01
CA ILE A 72 7.26 43.73 -5.32
C ILE A 72 6.35 43.18 -4.23
N PHE A 73 6.64 42.00 -3.73
CA PHE A 73 5.80 41.42 -2.68
C PHE A 73 5.93 42.21 -1.39
N ALA A 74 7.11 42.73 -1.09
CA ALA A 74 7.28 43.62 0.05
C ALA A 74 6.40 44.86 -0.12
N ILE A 75 6.45 45.47 -1.31
CA ILE A 75 5.55 46.59 -1.62
C ILE A 75 4.11 46.19 -1.33
N GLU A 76 3.67 45.07 -1.90
CA GLU A 76 2.28 44.65 -1.75
C GLU A 76 1.91 44.49 -0.29
N ILE A 77 2.73 43.77 0.48
CA ILE A 77 2.37 43.45 1.84
C ILE A 77 2.41 44.70 2.71
N ILE A 78 3.32 45.63 2.42
CA ILE A 78 3.32 46.91 3.11
C ILE A 78 2.00 47.63 2.86
N LEU A 79 1.55 47.67 1.60
CA LEU A 79 0.26 48.26 1.31
C LEU A 79 -0.85 47.54 2.07
N ARG A 80 -0.77 46.21 2.12
CA ARG A 80 -1.79 45.40 2.79
C ARG A 80 -1.88 45.73 4.27
N ILE A 81 -0.72 45.81 4.94
CA ILE A 81 -0.69 46.16 6.35
C ILE A 81 -1.22 47.57 6.56
N TYR A 82 -0.78 48.51 5.73
CA TYR A 82 -1.27 49.89 5.87
C TYR A 82 -2.78 49.94 5.73
N VAL A 83 -3.32 49.21 4.76
CA VAL A 83 -4.77 49.18 4.55
C VAL A 83 -5.46 48.47 5.70
N HIS A 84 -5.00 47.26 6.03
CA HIS A 84 -5.60 46.47 7.10
C HIS A 84 -4.88 46.82 8.39
N ARG A 85 -5.17 48.01 8.88
CA ARG A 85 -4.55 48.54 10.08
C ARG A 85 -4.60 47.50 11.18
N ILE A 86 -3.61 46.62 11.24
CA ILE A 86 -3.55 45.57 12.25
C ILE A 86 -4.60 44.49 12.02
N SER A 87 -5.69 44.81 11.31
CA SER A 87 -6.75 43.84 11.11
C SER A 87 -6.26 42.56 10.45
N PHE A 88 -5.34 42.68 9.48
CA PHE A 88 -4.87 41.47 8.79
C PHE A 88 -4.07 40.56 9.72
N PHE A 89 -3.34 41.10 10.70
CA PHE A 89 -2.59 40.23 11.61
C PHE A 89 -3.54 39.30 12.35
N LYS A 90 -4.73 39.80 12.70
CA LYS A 90 -5.73 38.94 13.33
C LYS A 90 -6.07 37.77 12.41
N ASP A 91 -6.15 38.02 11.11
CA ASP A 91 -6.45 36.98 10.14
C ASP A 91 -5.24 36.08 10.00
N PRO A 92 -5.36 34.77 10.28
CA PRO A 92 -4.16 33.92 10.16
C PRO A 92 -3.50 33.97 8.81
N TRP A 93 -4.28 33.82 7.72
CA TRP A 93 -3.68 33.77 6.39
C TRP A 93 -2.88 35.03 6.10
N SER A 94 -3.38 36.19 6.50
CA SER A 94 -2.63 37.43 6.29
C SER A 94 -1.33 37.41 7.08
N LEU A 95 -1.37 36.94 8.33
CA LEU A 95 -0.15 36.87 9.14
C LEU A 95 0.85 35.89 8.52
N PHE A 96 0.37 34.71 8.12
CA PHE A 96 1.18 33.75 7.40
C PHE A 96 1.85 34.36 6.17
N ASP A 97 1.08 35.09 5.36
CA ASP A 97 1.64 35.72 4.17
C ASP A 97 2.67 36.78 4.54
N SER A 98 2.38 37.58 5.56
CA SER A 98 3.36 38.56 6.01
C SER A 98 4.63 37.86 6.43
N LEU A 99 4.50 36.73 7.13
CA LEU A 99 5.66 35.98 7.59
C LEU A 99 6.47 35.42 6.42
N ILE A 100 5.79 34.84 5.41
CA ILE A 100 6.51 34.27 4.27
C ILE A 100 7.24 35.35 3.50
N VAL A 101 6.54 36.44 3.18
CA VAL A 101 7.22 37.53 2.48
C VAL A 101 8.36 38.06 3.32
N THR A 102 8.18 38.07 4.65
CA THR A 102 9.24 38.53 5.54
C THR A 102 10.47 37.63 5.42
N LEU A 103 10.28 36.32 5.48
CA LEU A 103 11.43 35.40 5.38
C LEU A 103 12.11 35.53 4.03
N SER A 104 11.33 35.61 2.95
CA SER A 104 11.92 35.77 1.62
C SER A 104 12.74 37.06 1.55
N LEU A 105 12.17 38.17 2.02
CA LEU A 105 12.89 39.43 2.02
C LEU A 105 14.17 39.33 2.84
N VAL A 106 14.10 38.68 4.00
CA VAL A 106 15.28 38.58 4.87
C VAL A 106 16.39 37.81 4.17
N GLU A 107 16.08 36.62 3.65
CA GLU A 107 17.10 35.88 2.91
C GLU A 107 17.65 36.71 1.77
N LEU A 108 16.86 37.64 1.25
CA LEU A 108 17.31 38.41 0.10
C LEU A 108 18.57 39.22 0.41
N PHE A 109 18.59 39.96 1.52
CA PHE A 109 19.79 40.73 1.84
C PHE A 109 20.69 40.03 2.88
N LEU A 110 20.21 38.99 3.56
CA LEU A 110 21.05 38.28 4.51
C LEU A 110 21.71 37.09 3.80
N ALA A 111 22.67 36.45 4.49
CA ALA A 111 23.51 35.45 3.85
C ALA A 111 23.43 34.10 4.55
N ASP A 112 23.82 33.08 3.81
CA ASP A 112 23.76 31.70 4.26
C ASP A 112 24.88 31.40 5.25
N VAL A 113 24.59 30.47 6.16
CA VAL A 113 25.63 29.96 7.05
C VAL A 113 26.46 29.00 6.22
N GLU A 114 27.78 29.01 6.43
CA GLU A 114 28.65 28.21 5.54
C GLU A 114 28.35 26.72 5.64
N GLY A 115 28.20 26.20 6.86
CA GLY A 115 28.09 24.76 7.01
C GLY A 115 26.91 24.17 6.26
N LEU A 116 25.77 24.85 6.33
CA LEU A 116 24.53 24.40 5.72
C LEU A 116 23.80 25.57 5.08
N SER A 117 23.40 25.40 3.83
CA SER A 117 22.70 26.45 3.08
C SER A 117 21.22 26.36 3.37
N VAL A 118 20.87 26.68 4.62
CA VAL A 118 19.47 26.67 5.02
C VAL A 118 18.74 27.85 4.42
N LEU A 119 19.40 29.00 4.28
CA LEU A 119 18.67 30.17 3.85
C LEU A 119 18.21 30.06 2.40
N ARG A 120 18.97 29.39 1.54
CA ARG A 120 18.46 29.12 0.20
C ARG A 120 17.13 28.38 0.27
N SER A 121 16.92 27.62 1.35
CA SER A 121 15.62 27.00 1.59
C SER A 121 14.56 28.04 1.91
N PHE A 122 14.89 29.06 2.71
CA PHE A 122 13.92 30.12 2.99
C PHE A 122 13.55 30.86 1.71
N ARG A 123 14.52 31.08 0.82
CA ARG A 123 14.24 31.69 -0.47
C ARG A 123 13.29 30.84 -1.32
N LEU A 124 13.51 29.52 -1.33
CA LEU A 124 12.63 28.64 -2.09
C LEU A 124 11.26 28.50 -1.44
N LEU A 125 11.18 28.66 -0.12
CA LEU A 125 9.92 28.49 0.60
C LEU A 125 8.83 29.41 0.04
N ARG A 126 9.21 30.62 -0.38
CA ARG A 126 8.28 31.63 -0.89
C ARG A 126 7.14 31.07 -1.73
N VAL A 127 7.34 29.87 -2.30
CA VAL A 127 6.39 29.30 -3.26
C VAL A 127 5.04 29.00 -2.64
N PHE A 128 4.92 29.05 -1.30
CA PHE A 128 3.68 28.71 -0.63
C PHE A 128 2.59 29.77 -0.80
N ARG A 129 2.92 30.93 -1.35
CA ARG A 129 1.91 31.96 -1.58
C ARG A 129 0.77 31.46 -2.46
N LEU A 130 1.03 30.54 -3.39
CA LEU A 130 -0.01 30.05 -4.28
C LEU A 130 -1.26 29.59 -3.54
N VAL A 131 -1.17 29.31 -2.24
CA VAL A 131 -2.33 28.94 -1.45
C VAL A 131 -2.89 30.12 -0.67
N THR A 132 -2.02 30.96 -0.10
CA THR A 132 -2.49 32.02 0.78
C THR A 132 -3.02 33.22 0.01
N ALA A 133 -2.31 33.65 -1.04
CA ALA A 133 -2.77 34.77 -1.84
C ALA A 133 -3.92 34.40 -2.75
N VAL A 134 -4.25 33.12 -2.85
CA VAL A 134 -5.36 32.63 -3.66
C VAL A 134 -6.55 32.40 -2.73
N PRO A 135 -7.70 33.02 -2.99
CA PRO A 135 -8.83 32.85 -2.05
C PRO A 135 -9.49 31.48 -2.12
N GLN A 136 -9.63 30.89 -3.31
CA GLN A 136 -10.24 29.57 -3.38
C GLN A 136 -9.41 28.54 -2.62
N MET A 137 -8.10 28.52 -2.87
CA MET A 137 -7.20 27.66 -2.11
C MET A 137 -7.28 28.00 -0.63
N ARG A 138 -7.32 29.28 -0.28
CA ARG A 138 -7.43 29.69 1.12
C ARG A 138 -8.67 29.06 1.77
N LYS A 139 -9.82 29.18 1.11
CA LYS A 139 -11.07 28.69 1.69
C LYS A 139 -11.08 27.17 1.80
N ILE A 140 -10.64 26.46 0.77
CA ILE A 140 -10.65 25.00 0.81
C ILE A 140 -9.70 24.48 1.88
N VAL A 141 -8.48 25.03 1.92
CA VAL A 141 -7.52 24.63 2.95
C VAL A 141 -8.06 24.97 4.33
N SER A 142 -8.81 26.07 4.44
CA SER A 142 -9.42 26.41 5.72
C SER A 142 -10.47 25.37 6.12
N ALA A 143 -11.22 24.88 5.13
CA ALA A 143 -12.17 23.80 5.40
C ALA A 143 -11.46 22.56 5.92
N LEU A 144 -10.36 22.17 5.27
CA LEU A 144 -9.66 20.95 5.69
C LEU A 144 -9.01 21.12 7.07
N ILE A 145 -8.43 22.29 7.34
CA ILE A 145 -7.84 22.53 8.65
C ILE A 145 -8.93 22.65 9.72
N SER A 146 -10.15 23.05 9.34
CA SER A 146 -11.26 23.00 10.28
C SER A 146 -11.68 21.56 10.54
N VAL A 147 -11.49 20.68 9.55
CA VAL A 147 -11.81 19.27 9.73
C VAL A 147 -10.84 18.60 10.72
N ILE A 148 -9.54 18.89 10.61
CA ILE A 148 -8.54 18.10 11.35
C ILE A 148 -8.80 18.04 12.85
N PRO A 149 -9.19 19.12 13.54
CA PRO A 149 -9.30 19.02 15.01
C PRO A 149 -10.23 17.90 15.47
N GLY A 150 -11.31 17.65 14.75
CA GLY A 150 -12.23 16.57 15.09
C GLY A 150 -11.52 15.25 15.21
N MET A 151 -10.33 15.15 14.61
CA MET A 151 -9.49 13.97 14.69
C MET A 151 -8.19 14.22 15.44
N LEU A 152 -7.96 15.44 15.92
CA LEU A 152 -6.79 15.69 16.75
C LEU A 152 -6.68 14.68 17.89
N SER A 153 -7.81 14.23 18.41
CA SER A 153 -7.78 13.20 19.46
C SER A 153 -7.07 11.95 18.96
N VAL A 154 -7.46 11.46 17.78
CA VAL A 154 -6.84 10.27 17.21
C VAL A 154 -5.38 10.54 16.83
N ILE A 155 -5.09 11.74 16.32
CA ILE A 155 -3.70 12.08 16.00
C ILE A 155 -2.84 11.95 17.24
N ALA A 156 -3.30 12.53 18.36
CA ALA A 156 -2.53 12.47 19.60
C ALA A 156 -2.41 11.04 20.10
N LEU A 157 -3.49 10.26 20.05
CA LEU A 157 -3.41 8.86 20.48
C LEU A 157 -2.38 8.10 19.66
N MET A 158 -2.42 8.26 18.34
CA MET A 158 -1.51 7.52 17.47
C MET A 158 -0.07 7.96 17.71
N THR A 159 0.13 9.25 17.97
CA THR A 159 1.47 9.73 18.28
C THR A 159 1.98 9.16 19.60
N LEU A 160 1.09 9.04 20.59
CA LEU A 160 1.49 8.41 21.85
C LEU A 160 1.85 6.96 21.65
N PHE A 161 1.07 6.24 20.86
CA PHE A 161 1.41 4.86 20.53
C PHE A 161 2.78 4.78 19.88
N PHE A 162 3.05 5.68 18.93
CA PHE A 162 4.37 5.71 18.30
C PHE A 162 5.46 5.90 19.34
N TYR A 163 5.25 6.85 20.25
CA TYR A 163 6.25 7.12 21.29
C TYR A 163 6.55 5.86 22.10
N ILE A 164 5.50 5.19 22.58
CA ILE A 164 5.67 4.02 23.44
C ILE A 164 6.34 2.88 22.68
N PHE A 165 5.78 2.51 21.54
CA PHE A 165 6.36 1.41 20.78
C PHE A 165 7.80 1.74 20.36
N ALA A 166 8.09 3.01 20.11
CA ALA A 166 9.41 3.41 19.66
C ALA A 166 10.44 3.22 20.76
N ILE A 167 10.14 3.71 21.96
CA ILE A 167 11.05 3.48 23.07
C ILE A 167 11.28 1.98 23.27
N MET A 168 10.20 1.20 23.30
CA MET A 168 10.36 -0.23 23.54
C MET A 168 11.28 -0.86 22.50
N ALA A 169 11.00 -0.64 21.22
CA ALA A 169 11.82 -1.23 20.18
C ALA A 169 13.27 -0.79 20.31
N THR A 170 13.51 0.53 20.30
CA THR A 170 14.88 1.02 20.36
C THR A 170 15.64 0.43 21.54
N GLN A 171 14.97 0.23 22.68
CA GLN A 171 15.66 -0.38 23.81
C GLN A 171 15.89 -1.87 23.56
N LEU A 172 15.02 -2.51 22.78
CA LEU A 172 15.23 -3.91 22.41
C LEU A 172 16.26 -4.06 21.28
N PHE A 173 15.93 -3.52 20.10
CA PHE A 173 16.68 -3.80 18.89
C PHE A 173 17.83 -2.83 18.68
N GLY A 174 18.37 -2.26 19.75
CA GLY A 174 19.41 -1.28 19.60
C GLY A 174 20.74 -1.97 19.36
N GLU A 175 20.98 -3.10 20.04
CA GLU A 175 22.21 -3.84 19.85
C GLU A 175 22.15 -4.44 18.47
N ARG A 176 22.92 -3.88 17.53
CA ARG A 176 22.80 -4.24 16.13
C ARG A 176 21.51 -3.64 15.59
N PHE A 177 21.53 -3.25 14.33
CA PHE A 177 20.48 -2.51 13.67
C PHE A 177 20.32 -1.16 14.36
N PRO A 178 21.42 -0.42 14.59
CA PRO A 178 21.27 0.92 15.17
C PRO A 178 20.67 1.90 14.18
N GLU A 179 20.87 1.65 12.89
CA GLU A 179 20.40 2.56 11.85
C GLU A 179 18.89 2.67 11.88
N TRP A 180 18.20 1.58 12.20
CA TRP A 180 16.75 1.57 12.23
C TRP A 180 16.22 1.85 13.64
N PHE A 181 16.89 1.33 14.68
CA PHE A 181 16.39 1.44 16.04
C PHE A 181 17.46 1.89 17.04
N GLY A 182 18.58 2.42 16.56
CA GLY A 182 19.67 2.77 17.47
C GLY A 182 19.21 3.69 18.59
N THR A 183 18.34 4.64 18.26
CA THR A 183 17.82 5.60 19.22
C THR A 183 16.32 5.74 19.01
N LEU A 184 15.72 6.64 19.78
CA LEU A 184 14.29 6.86 19.68
C LEU A 184 13.90 7.46 18.32
N GLY A 185 14.77 8.28 17.74
CA GLY A 185 14.46 8.94 16.49
C GLY A 185 14.36 8.00 15.30
N GLU A 186 15.42 7.25 15.03
CA GLU A 186 15.36 6.26 13.97
C GLU A 186 14.25 5.26 14.22
N SER A 187 13.94 5.00 15.50
CA SER A 187 12.86 4.07 15.83
C SER A 187 11.52 4.67 15.41
N PHE A 188 11.29 5.95 15.68
CA PHE A 188 10.09 6.64 15.22
C PHE A 188 9.98 6.56 13.70
N TYR A 189 11.09 6.87 13.02
CA TYR A 189 11.10 6.86 11.57
C TYR A 189 10.72 5.47 11.04
N THR A 190 11.39 4.44 11.53
CA THR A 190 11.17 3.09 11.05
C THR A 190 9.76 2.61 11.36
N LEU A 191 9.20 3.02 12.50
CA LEU A 191 7.83 2.61 12.83
C LEU A 191 6.83 3.27 11.90
N PHE A 192 7.01 4.57 11.62
CA PHE A 192 6.18 5.21 10.61
C PHE A 192 6.28 4.47 9.28
N GLN A 193 7.50 4.10 8.89
CA GLN A 193 7.72 3.32 7.69
C GLN A 193 6.88 2.05 7.71
N VAL A 194 7.00 1.27 8.80
CA VAL A 194 6.24 0.03 8.92
C VAL A 194 4.75 0.30 8.74
N MET A 195 4.25 1.36 9.40
CA MET A 195 2.84 1.72 9.24
C MET A 195 2.48 1.89 7.78
N THR A 196 3.40 2.42 6.96
CA THR A 196 3.10 2.59 5.55
C THR A 196 3.14 1.29 4.75
N LEU A 197 3.61 0.20 5.35
CA LEU A 197 3.72 -1.09 4.65
C LEU A 197 4.71 -1.02 3.50
N GLU A 198 5.80 -0.28 3.70
CA GLU A 198 6.83 -0.09 2.68
C GLU A 198 8.08 -0.86 3.08
N SER A 199 8.32 -1.99 2.40
CA SER A 199 9.48 -2.83 2.67
C SER A 199 9.59 -3.13 4.17
N TRP A 200 8.45 -3.51 4.77
CA TRP A 200 8.44 -3.76 6.19
C TRP A 200 8.91 -5.17 6.53
N SER A 201 8.68 -6.14 5.64
CA SER A 201 9.19 -7.49 5.89
C SER A 201 10.59 -7.71 5.32
N MET A 202 10.78 -7.46 4.03
CA MET A 202 12.02 -7.87 3.37
C MET A 202 13.21 -7.07 3.88
N GLY A 203 13.02 -5.79 4.16
CA GLY A 203 14.15 -4.92 4.50
C GLY A 203 14.32 -4.71 5.99
N ILE A 204 13.31 -5.06 6.78
CA ILE A 204 13.31 -4.73 8.21
C ILE A 204 13.07 -5.98 9.06
N VAL A 205 11.83 -6.45 9.08
CA VAL A 205 11.45 -7.48 10.05
C VAL A 205 12.29 -8.72 9.85
N ARG A 206 12.41 -9.20 8.61
CA ARG A 206 13.08 -10.47 8.37
C ARG A 206 14.55 -10.41 8.78
N PRO A 207 15.33 -9.40 8.39
CA PRO A 207 16.68 -9.26 8.94
C PRO A 207 16.70 -9.25 10.47
N LEU A 208 15.73 -8.59 11.10
CA LEU A 208 15.67 -8.59 12.55
C LEU A 208 15.44 -10.00 13.09
N MET A 209 14.47 -10.71 12.51
CA MET A 209 14.17 -12.07 12.93
C MET A 209 15.41 -12.95 12.84
N GLU A 210 16.25 -12.69 11.84
CA GLU A 210 17.48 -13.48 11.68
C GLU A 210 18.26 -13.58 13.00
N VAL A 211 18.24 -12.52 13.82
CA VAL A 211 18.93 -12.52 15.11
C VAL A 211 17.96 -12.68 16.28
N TYR A 212 16.90 -11.87 16.30
CA TYR A 212 15.91 -11.93 17.36
C TYR A 212 14.69 -12.66 16.81
N PRO A 213 14.54 -13.97 17.04
CA PRO A 213 13.55 -14.74 16.26
C PRO A 213 12.12 -14.26 16.47
N TYR A 214 11.73 -13.95 17.71
CA TYR A 214 10.34 -13.65 18.02
C TYR A 214 10.02 -12.16 17.92
N ALA A 215 10.82 -11.39 17.15
CA ALA A 215 10.49 -9.99 16.94
C ALA A 215 9.18 -9.81 16.20
N TRP A 216 8.72 -10.84 15.48
CA TRP A 216 7.47 -10.73 14.73
C TRP A 216 6.30 -10.37 15.64
N VAL A 217 6.20 -11.02 16.79
CA VAL A 217 5.11 -10.75 17.73
C VAL A 217 5.03 -9.26 18.03
N PHE A 218 6.15 -8.55 17.90
CA PHE A 218 6.16 -7.11 18.13
C PHE A 218 5.36 -6.38 17.05
N PHE A 219 5.74 -6.57 15.78
CA PHE A 219 5.30 -5.66 14.72
C PHE A 219 3.89 -5.98 14.22
N ILE A 220 3.53 -7.26 14.15
CA ILE A 220 2.23 -7.64 13.60
C ILE A 220 1.08 -7.03 14.40
N PRO A 221 1.02 -7.15 15.73
CA PRO A 221 0.01 -6.39 16.46
C PRO A 221 0.10 -4.91 16.17
N PHE A 222 1.31 -4.36 16.18
CA PHE A 222 1.52 -2.95 15.88
C PHE A 222 0.79 -2.58 14.59
N ILE A 223 1.12 -3.28 13.49
CA ILE A 223 0.44 -3.11 12.21
C ILE A 223 -1.06 -3.02 12.47
N PHE A 224 -1.63 -4.10 13.01
CA PHE A 224 -3.06 -4.14 13.30
C PHE A 224 -3.46 -2.77 13.84
N VAL A 225 -2.91 -2.43 15.01
CA VAL A 225 -3.33 -1.23 15.72
C VAL A 225 -3.35 -0.06 14.75
N VAL A 226 -2.18 0.28 14.18
CA VAL A 226 -2.11 1.49 13.38
C VAL A 226 -3.09 1.40 12.22
N THR A 227 -3.08 0.29 11.48
CA THR A 227 -4.01 0.23 10.36
C THR A 227 -5.42 0.38 10.90
N PHE A 228 -5.72 -0.33 11.98
CA PHE A 228 -7.04 -0.20 12.60
C PHE A 228 -7.30 1.26 12.97
N VAL A 229 -6.36 1.89 13.64
CA VAL A 229 -6.58 3.28 14.03
C VAL A 229 -6.80 4.13 12.79
N MET A 230 -6.02 3.88 11.73
CA MET A 230 -6.17 4.68 10.53
C MET A 230 -7.55 4.49 9.91
N ILE A 231 -8.07 3.26 9.91
CA ILE A 231 -9.43 3.09 9.39
C ILE A 231 -10.40 3.89 10.26
N ASN A 232 -10.23 3.82 11.58
CA ASN A 232 -11.06 4.64 12.46
C ASN A 232 -11.00 6.10 12.02
N LEU A 233 -9.81 6.58 11.64
CA LEU A 233 -9.68 7.96 11.19
C LEU A 233 -10.60 8.21 10.01
N VAL A 234 -10.58 7.34 9.00
CA VAL A 234 -11.48 7.49 7.86
C VAL A 234 -12.92 7.43 8.34
N VAL A 235 -13.21 6.54 9.29
CA VAL A 235 -14.56 6.47 9.82
C VAL A 235 -14.95 7.81 10.43
N ALA A 236 -14.03 8.42 11.18
CA ALA A 236 -14.30 9.74 11.74
C ALA A 236 -14.60 10.73 10.63
N ILE A 237 -13.87 10.66 9.52
CA ILE A 237 -14.15 11.53 8.38
C ILE A 237 -15.53 11.20 7.83
N CYS A 238 -15.83 9.92 7.66
CA CYS A 238 -17.17 9.53 7.23
C CYS A 238 -18.23 9.92 8.25
N VAL A 239 -17.82 10.27 9.48
CA VAL A 239 -18.77 10.78 10.46
C VAL A 239 -19.08 12.26 10.18
N ASP A 240 -18.08 13.03 9.76
CA ASP A 240 -18.29 14.46 9.56
C ASP A 240 -19.16 14.73 8.34
N ALA A 241 -19.07 13.88 7.32
CA ALA A 241 -19.89 14.02 6.12
C ALA A 241 -21.36 13.79 6.45
N SER B 17 -12.79 4.51 58.27
CA SER B 17 -12.11 5.14 59.40
C SER B 17 -11.56 6.49 59.01
N HIS B 18 -11.06 7.20 60.01
CA HIS B 18 -10.47 8.53 59.81
C HIS B 18 -9.19 8.47 58.99
N MET B 19 -8.23 7.63 59.40
CA MET B 19 -7.00 7.47 58.65
C MET B 19 -7.27 6.87 57.27
N TYR B 20 -8.13 5.85 57.23
CA TYR B 20 -8.54 5.25 55.97
C TYR B 20 -9.15 6.29 55.04
N LEU B 21 -9.99 7.17 55.61
CA LEU B 21 -10.63 8.20 54.81
C LEU B 21 -9.62 9.22 54.28
N ARG B 22 -8.62 9.59 55.09
CA ARG B 22 -7.59 10.50 54.59
C ARG B 22 -6.83 9.88 53.42
N ILE B 23 -6.41 8.62 53.57
CA ILE B 23 -5.69 7.95 52.49
C ILE B 23 -6.55 7.89 51.23
N THR B 24 -7.83 7.56 51.39
CA THR B 24 -8.72 7.44 50.24
C THR B 24 -8.90 8.78 49.55
N ASN B 25 -9.07 9.85 50.32
CA ASN B 25 -9.20 11.19 49.74
C ASN B 25 -7.99 11.52 48.89
N ILE B 26 -6.78 11.22 49.39
CA ILE B 26 -5.60 11.49 48.58
C ILE B 26 -5.61 10.64 47.31
N VAL B 27 -5.96 9.36 47.45
CA VAL B 27 -5.88 8.47 46.29
C VAL B 27 -6.82 8.93 45.19
N GLU B 28 -8.04 9.32 45.55
CA GLU B 28 -9.00 9.71 44.53
C GLU B 28 -8.83 11.16 44.10
N SER B 29 -8.14 11.97 44.90
CA SER B 29 -7.84 13.33 44.51
C SER B 29 -7.24 13.37 43.12
N SER B 30 -7.78 14.25 42.27
CA SER B 30 -7.22 14.45 40.94
C SER B 30 -5.74 14.74 41.02
N PHE B 31 -5.30 15.40 42.10
CA PHE B 31 -3.89 15.73 42.27
C PHE B 31 -3.03 14.47 42.24
N PHE B 32 -3.46 13.42 42.95
CA PHE B 32 -2.66 12.20 43.04
C PHE B 32 -2.57 11.51 41.68
N THR B 33 -3.69 11.43 40.96
CA THR B 33 -3.69 10.80 39.65
C THR B 33 -2.78 11.55 38.69
N LYS B 34 -2.89 12.89 38.66
CA LYS B 34 -2.02 13.69 37.80
C LYS B 34 -0.57 13.57 38.21
N PHE B 35 -0.30 13.44 39.52
CA PHE B 35 1.07 13.26 39.97
C PHE B 35 1.64 11.98 39.42
N ILE B 36 0.88 10.88 39.51
CA ILE B 36 1.35 9.60 38.97
C ILE B 36 1.54 9.71 37.47
N ILE B 37 0.64 10.40 36.77
CA ILE B 37 0.77 10.51 35.32
C ILE B 37 2.07 11.23 34.97
N TYR B 38 2.34 12.36 35.63
CA TYR B 38 3.57 13.08 35.33
C TYR B 38 4.79 12.28 35.75
N LEU B 39 4.70 11.55 36.86
CA LEU B 39 5.80 10.67 37.24
C LEU B 39 6.04 9.63 36.16
N ILE B 40 4.96 9.04 35.63
CA ILE B 40 5.06 8.03 34.58
C ILE B 40 5.72 8.62 33.35
N VAL B 41 5.28 9.81 32.95
CA VAL B 41 5.85 10.45 31.77
C VAL B 41 7.33 10.73 32.00
N LEU B 42 7.68 11.13 33.22
CA LEU B 42 9.08 11.37 33.54
C LEU B 42 9.89 10.09 33.43
N ASN B 43 9.42 9.01 34.03
CA ASN B 43 10.10 7.73 33.91
C ASN B 43 10.20 7.30 32.46
N THR B 44 9.16 7.58 31.67
CA THR B 44 9.15 7.18 30.27
C THR B 44 10.18 7.95 29.47
N LEU B 45 10.20 9.28 29.62
CA LEU B 45 11.24 10.07 29.00
C LEU B 45 12.61 9.64 29.48
N PHE B 46 12.71 9.23 30.74
CA PHE B 46 13.97 8.79 31.31
C PHE B 46 14.49 7.57 30.56
N MET B 47 13.66 6.55 30.44
CA MET B 47 14.03 5.35 29.70
C MET B 47 14.21 5.66 28.21
N ALA B 48 13.39 6.56 27.68
CA ALA B 48 13.46 6.93 26.28
C ALA B 48 14.84 7.46 25.91
N MET B 49 15.39 8.33 26.75
CA MET B 49 16.71 8.89 26.48
C MET B 49 17.73 7.78 26.70
N GLU B 50 17.50 6.65 26.04
CA GLU B 50 18.32 5.45 26.15
C GLU B 50 18.82 5.16 24.75
N HIS B 51 20.13 5.14 24.59
CA HIS B 51 20.77 4.83 23.33
C HIS B 51 21.52 3.54 23.55
N HIS B 52 21.15 2.50 22.81
CA HIS B 52 21.68 1.18 23.12
C HIS B 52 23.20 1.14 22.98
N PRO B 53 23.83 1.82 22.00
CA PRO B 53 25.29 1.94 22.04
C PRO B 53 25.76 2.89 23.13
N MET B 54 25.55 2.56 24.40
CA MET B 54 25.95 3.47 25.48
C MET B 54 27.07 2.76 26.24
N THR B 55 26.74 1.80 27.08
CA THR B 55 27.73 1.07 27.85
C THR B 55 28.66 2.06 28.58
N GLU B 56 28.15 3.26 28.86
CA GLU B 56 28.93 4.33 29.47
C GLU B 56 28.54 4.53 30.93
N GLU B 57 28.19 3.46 31.64
CA GLU B 57 27.75 3.60 33.01
C GLU B 57 26.31 4.11 32.98
N PHE B 58 25.88 4.55 31.80
CA PHE B 58 24.52 5.02 31.59
C PHE B 58 23.52 3.94 31.98
N LYS B 59 23.82 2.69 31.65
CA LYS B 59 22.92 1.58 31.94
C LYS B 59 22.61 1.48 33.43
N ASN B 60 23.64 1.56 34.28
CA ASN B 60 23.42 1.44 35.71
C ASN B 60 22.56 2.57 36.25
N VAL B 61 22.83 3.82 35.82
CA VAL B 61 22.03 4.95 36.28
C VAL B 61 20.59 4.83 35.80
N LEU B 62 20.40 4.43 34.54
CA LEU B 62 19.06 4.19 34.03
C LEU B 62 18.33 3.13 34.84
N ALA B 63 19.02 2.03 35.16
CA ALA B 63 18.42 1.00 35.99
C ALA B 63 18.07 1.53 37.37
N ILE B 64 18.93 2.40 37.92
CA ILE B 64 18.65 3.01 39.23
C ILE B 64 17.37 3.84 39.16
N GLY B 65 17.26 4.68 38.14
CA GLY B 65 16.04 5.45 37.98
C GLY B 65 14.83 4.55 37.87
N ASN B 66 14.95 3.50 37.05
CA ASN B 66 13.90 2.50 36.98
C ASN B 66 13.53 1.98 38.35
N LEU B 67 14.55 1.66 39.16
CA LEU B 67 14.34 1.14 40.50
C LEU B 67 13.49 2.09 41.31
N VAL B 68 13.86 3.36 41.35
CA VAL B 68 13.13 4.33 42.17
C VAL B 68 11.70 4.45 41.68
N PHE B 69 11.52 4.63 40.37
CA PHE B 69 10.15 4.78 39.86
C PHE B 69 9.32 3.56 40.19
N THR B 70 9.90 2.36 40.07
CA THR B 70 9.15 1.15 40.37
C THR B 70 8.79 1.07 41.84
N GLY B 71 9.71 1.42 42.74
CA GLY B 71 9.38 1.44 44.15
C GLY B 71 8.24 2.38 44.44
N ILE B 72 8.29 3.58 43.85
CA ILE B 72 7.22 4.56 44.04
C ILE B 72 5.91 4.06 43.46
N PHE B 73 5.97 3.39 42.31
CA PHE B 73 4.75 2.84 41.72
C PHE B 73 4.20 1.71 42.55
N ALA B 74 5.07 0.91 43.16
CA ALA B 74 4.63 -0.11 44.11
C ALA B 74 3.90 0.55 45.27
N ILE B 75 4.47 1.61 45.84
CA ILE B 75 3.79 2.39 46.87
C ILE B 75 2.39 2.80 46.38
N GLU B 76 2.34 3.42 45.20
CA GLU B 76 1.08 3.92 44.66
C GLU B 76 0.06 2.80 44.56
N ILE B 77 0.47 1.68 43.95
CA ILE B 77 -0.47 0.60 43.67
C ILE B 77 -0.91 -0.08 44.94
N ILE B 78 -0.02 -0.18 45.94
CA ILE B 78 -0.43 -0.70 47.24
C ILE B 78 -1.54 0.16 47.82
N LEU B 79 -1.36 1.49 47.78
CA LEU B 79 -2.42 2.38 48.27
C LEU B 79 -3.71 2.21 47.47
N ARG B 80 -3.59 2.15 46.15
CA ARG B 80 -4.74 2.03 45.27
C ARG B 80 -5.51 0.75 45.56
N ILE B 81 -4.80 -0.36 45.74
CA ILE B 81 -5.42 -1.62 46.10
C ILE B 81 -6.10 -1.49 47.46
N TYR B 82 -5.41 -0.84 48.40
CA TYR B 82 -5.91 -0.70 49.76
C TYR B 82 -7.27 -0.05 49.80
N VAL B 83 -7.48 1.00 49.01
CA VAL B 83 -8.74 1.71 49.08
C VAL B 83 -9.89 0.83 48.64
N HIS B 84 -9.92 0.46 47.37
CA HIS B 84 -10.95 -0.43 46.86
C HIS B 84 -10.26 -1.73 46.50
N ARG B 85 -10.75 -2.83 47.06
CA ARG B 85 -10.12 -4.13 46.86
C ARG B 85 -10.77 -4.85 45.69
N ILE B 86 -11.88 -5.54 45.96
CA ILE B 86 -12.54 -6.30 44.90
C ILE B 86 -12.99 -5.37 43.79
N SER B 87 -13.30 -4.11 44.11
CA SER B 87 -13.60 -3.14 43.06
C SER B 87 -12.38 -2.88 42.19
N PHE B 88 -11.19 -2.81 42.81
CA PHE B 88 -9.96 -2.59 42.06
C PHE B 88 -9.65 -3.76 41.15
N PHE B 89 -9.82 -4.99 41.66
CA PHE B 89 -9.55 -6.15 40.80
C PHE B 89 -10.62 -6.29 39.74
N LYS B 90 -11.86 -5.93 40.06
CA LYS B 90 -12.96 -6.02 39.10
C LYS B 90 -12.72 -5.17 37.86
N ASP B 91 -12.17 -3.98 38.04
CA ASP B 91 -11.94 -3.10 36.89
C ASP B 91 -10.79 -3.65 36.06
N PRO B 92 -11.01 -4.01 34.79
CA PRO B 92 -9.91 -4.59 34.00
C PRO B 92 -8.69 -3.68 33.90
N TRP B 93 -8.90 -2.41 33.54
CA TRP B 93 -7.78 -1.49 33.36
C TRP B 93 -6.95 -1.39 34.63
N SER B 94 -7.63 -1.36 35.78
CA SER B 94 -6.94 -1.27 37.07
C SER B 94 -6.07 -2.49 37.32
N LEU B 95 -6.63 -3.69 37.09
CA LEU B 95 -5.87 -4.90 37.31
C LEU B 95 -4.69 -4.98 36.34
N PHE B 96 -4.91 -4.62 35.09
CA PHE B 96 -3.84 -4.50 34.10
C PHE B 96 -2.70 -3.64 34.63
N ASP B 97 -3.01 -2.46 35.17
CA ASP B 97 -1.98 -1.59 35.71
C ASP B 97 -1.25 -2.26 36.87
N SER B 98 -2.00 -2.92 37.76
CA SER B 98 -1.37 -3.62 38.87
C SER B 98 -0.41 -4.68 38.36
N LEU B 99 -0.81 -5.41 37.32
CA LEU B 99 0.03 -6.46 36.75
C LEU B 99 1.30 -5.86 36.15
N ILE B 100 1.19 -4.72 35.48
CA ILE B 100 2.38 -4.10 34.87
C ILE B 100 3.39 -3.73 35.95
N VAL B 101 2.93 -3.03 36.99
CA VAL B 101 3.84 -2.68 38.08
C VAL B 101 4.41 -3.94 38.72
N THR B 102 3.60 -4.99 38.80
CA THR B 102 4.04 -6.25 39.38
C THR B 102 5.21 -6.83 38.59
N LEU B 103 5.07 -6.87 37.27
CA LEU B 103 6.15 -7.40 36.44
C LEU B 103 7.42 -6.58 36.60
N SER B 104 7.29 -5.25 36.68
CA SER B 104 8.49 -4.45 36.90
C SER B 104 9.16 -4.82 38.22
N LEU B 105 8.36 -4.94 39.29
CA LEU B 105 8.92 -5.33 40.58
C LEU B 105 9.61 -6.69 40.49
N VAL B 106 9.00 -7.63 39.76
CA VAL B 106 9.59 -8.96 39.62
C VAL B 106 10.94 -8.86 38.91
N GLU B 107 11.00 -8.12 37.80
CA GLU B 107 12.27 -7.95 37.13
C GLU B 107 13.32 -7.41 38.06
N LEU B 108 12.91 -6.62 39.06
CA LEU B 108 13.91 -6.10 40.00
C LEU B 108 14.55 -7.23 40.80
N PHE B 109 13.75 -8.20 41.25
CA PHE B 109 14.26 -9.23 42.16
C PHE B 109 14.84 -10.44 41.44
N LEU B 110 14.54 -10.60 40.16
CA LEU B 110 14.98 -11.74 39.37
C LEU B 110 15.93 -11.28 38.27
N ALA B 111 16.54 -12.25 37.60
CA ALA B 111 17.58 -11.99 36.61
C ALA B 111 17.21 -12.66 35.30
N ASP B 112 17.83 -12.17 34.23
CA ASP B 112 17.61 -12.61 32.87
C ASP B 112 18.21 -13.99 32.56
N VAL B 113 18.57 -14.78 33.58
CA VAL B 113 19.12 -16.12 33.41
C VAL B 113 20.43 -15.99 32.63
N GLU B 114 20.37 -16.09 31.31
CA GLU B 114 21.58 -15.96 30.50
C GLU B 114 21.31 -16.03 29.00
N GLY B 115 20.51 -17.01 28.56
CA GLY B 115 20.34 -17.22 27.13
C GLY B 115 19.66 -16.04 26.45
N LEU B 116 18.61 -15.51 27.07
CA LEU B 116 17.78 -14.45 26.54
C LEU B 116 17.37 -13.49 27.64
N SER B 117 17.53 -12.19 27.40
CA SER B 117 17.22 -11.17 28.40
C SER B 117 15.75 -10.76 28.32
N VAL B 118 14.88 -11.71 28.67
CA VAL B 118 13.44 -11.45 28.67
C VAL B 118 13.05 -10.56 29.84
N LEU B 119 13.69 -10.74 31.00
CA LEU B 119 13.28 -9.96 32.17
C LEU B 119 13.59 -8.48 31.99
N ARG B 120 14.73 -8.16 31.37
CA ARG B 120 14.96 -6.79 30.97
C ARG B 120 13.95 -6.31 29.95
N SER B 121 13.33 -7.23 29.21
CA SER B 121 12.20 -6.85 28.36
C SER B 121 11.01 -6.46 29.23
N PHE B 122 10.74 -7.21 30.30
CA PHE B 122 9.67 -6.87 31.22
C PHE B 122 9.91 -5.52 31.87
N ARG B 123 11.17 -5.22 32.19
CA ARG B 123 11.49 -3.93 32.80
C ARG B 123 11.09 -2.78 31.88
N LEU B 124 11.34 -2.93 30.58
CA LEU B 124 10.93 -1.90 29.61
C LEU B 124 9.43 -1.91 29.36
N LEU B 125 8.78 -3.07 29.49
CA LEU B 125 7.35 -3.17 29.20
C LEU B 125 6.53 -2.17 30.02
N ARG B 126 6.93 -1.92 31.26
CA ARG B 126 6.21 -1.07 32.20
C ARG B 126 5.56 0.18 31.60
N VAL B 127 6.01 0.62 30.43
CA VAL B 127 5.61 1.94 29.92
C VAL B 127 4.14 2.07 29.55
N PHE B 128 3.36 0.99 29.53
CA PHE B 128 1.97 1.11 29.10
C PHE B 128 1.12 1.93 30.06
N ARG B 129 1.65 2.33 31.21
CA ARG B 129 0.89 3.17 32.10
C ARG B 129 0.44 4.45 31.41
N LEU B 130 1.24 4.95 30.47
CA LEU B 130 0.88 6.18 29.77
C LEU B 130 -0.53 6.12 29.22
N VAL B 131 -1.03 4.93 28.94
CA VAL B 131 -2.41 4.75 28.53
C VAL B 131 -3.28 4.25 29.66
N THR B 132 -2.77 3.33 30.49
CA THR B 132 -3.65 2.74 31.51
C THR B 132 -3.88 3.68 32.68
N ALA B 133 -2.84 4.38 33.14
CA ALA B 133 -2.99 5.33 34.23
C ALA B 133 -3.66 6.63 33.81
N VAL B 134 -3.89 6.83 32.53
CA VAL B 134 -4.53 8.04 32.01
C VAL B 134 -6.01 7.75 31.79
N PRO B 135 -6.92 8.53 32.36
CA PRO B 135 -8.36 8.22 32.18
C PRO B 135 -8.87 8.51 30.78
N GLN B 136 -8.41 9.58 30.13
CA GLN B 136 -8.86 9.88 28.79
C GLN B 136 -8.44 8.80 27.81
N MET B 137 -7.16 8.41 27.85
CA MET B 137 -6.69 7.29 27.06
C MET B 137 -7.49 6.03 27.40
N ARG B 138 -7.75 5.81 28.69
CA ARG B 138 -8.53 4.65 29.10
C ARG B 138 -9.89 4.63 28.40
N LYS B 139 -10.60 5.75 28.41
CA LYS B 139 -11.93 5.80 27.83
C LYS B 139 -11.90 5.62 26.32
N ILE B 140 -10.94 6.26 25.65
CA ILE B 140 -10.85 6.16 24.18
C ILE B 140 -10.55 4.73 23.78
N VAL B 141 -9.53 4.13 24.41
CA VAL B 141 -9.18 2.74 24.12
C VAL B 141 -10.34 1.83 24.46
N SER B 142 -11.13 2.18 25.48
CA SER B 142 -12.31 1.39 25.81
C SER B 142 -13.34 1.45 24.70
N ALA B 143 -13.48 2.62 24.08
CA ALA B 143 -14.38 2.74 22.93
C ALA B 143 -13.92 1.80 21.80
N LEU B 144 -12.64 1.83 21.47
CA LEU B 144 -12.17 0.98 20.36
C LEU B 144 -12.23 -0.51 20.71
N ILE B 145 -11.92 -0.88 21.96
CA ILE B 145 -12.02 -2.27 22.35
C ILE B 145 -13.48 -2.71 22.39
N SER B 146 -14.41 -1.78 22.62
CA SER B 146 -15.82 -2.08 22.47
C SER B 146 -16.19 -2.26 21.01
N VAL B 147 -15.49 -1.57 20.11
CA VAL B 147 -15.75 -1.71 18.68
C VAL B 147 -15.34 -3.09 18.17
N ILE B 148 -14.15 -3.58 18.57
CA ILE B 148 -13.58 -4.76 17.91
C ILE B 148 -14.49 -5.97 17.96
N PRO B 149 -15.17 -6.29 19.07
CA PRO B 149 -15.93 -7.56 19.09
C PRO B 149 -16.99 -7.66 17.99
N GLY B 150 -17.65 -6.55 17.66
CA GLY B 150 -18.68 -6.56 16.63
C GLY B 150 -18.23 -7.11 15.29
N MET B 151 -16.92 -7.09 15.04
CA MET B 151 -16.33 -7.67 13.85
C MET B 151 -15.39 -8.81 14.18
N LEU B 152 -15.25 -9.14 15.46
CA LEU B 152 -14.42 -10.28 15.84
C LEU B 152 -14.80 -11.52 15.02
N SER B 153 -16.08 -11.63 14.64
CA SER B 153 -16.51 -12.74 13.79
C SER B 153 -15.74 -12.72 12.47
N VAL B 154 -15.67 -11.56 11.82
CA VAL B 154 -14.93 -11.45 10.57
C VAL B 154 -13.44 -11.65 10.81
N ILE B 155 -12.93 -11.16 11.94
CA ILE B 155 -11.55 -11.41 12.29
C ILE B 155 -11.29 -12.91 12.33
N ALA B 156 -12.18 -13.65 12.98
CA ALA B 156 -12.05 -15.10 13.08
C ALA B 156 -12.16 -15.75 11.71
N LEU B 157 -13.08 -15.29 10.87
CA LEU B 157 -13.17 -15.83 9.51
C LEU B 157 -11.87 -15.62 8.76
N MET B 158 -11.31 -14.42 8.82
CA MET B 158 -10.10 -14.13 8.09
C MET B 158 -8.94 -14.95 8.65
N THR B 159 -8.93 -15.16 9.97
CA THR B 159 -7.91 -16.00 10.57
C THR B 159 -8.06 -17.44 10.10
N LEU B 160 -9.29 -17.92 9.95
CA LEU B 160 -9.52 -19.26 9.44
C LEU B 160 -9.08 -19.38 7.99
N PHE B 161 -9.38 -18.35 7.19
CA PHE B 161 -8.90 -18.31 5.81
C PHE B 161 -7.38 -18.37 5.78
N PHE B 162 -6.73 -17.62 6.66
CA PHE B 162 -5.27 -17.68 6.77
C PHE B 162 -4.81 -19.10 7.09
N TYR B 163 -5.45 -19.73 8.07
CA TYR B 163 -5.05 -21.08 8.47
C TYR B 163 -5.13 -22.05 7.30
N ILE B 164 -6.26 -22.04 6.58
CA ILE B 164 -6.47 -22.97 5.47
C ILE B 164 -5.49 -22.68 4.34
N PHE B 165 -5.43 -21.44 3.87
CA PHE B 165 -4.52 -21.12 2.78
C PHE B 165 -3.07 -21.38 3.18
N ALA B 166 -2.73 -21.20 4.45
CA ALA B 166 -1.36 -21.41 4.91
C ALA B 166 -0.98 -22.87 4.87
N ILE B 167 -1.83 -23.75 5.40
CA ILE B 167 -1.56 -25.18 5.28
C ILE B 167 -1.36 -25.55 3.82
N MET B 168 -2.26 -25.07 2.96
CA MET B 168 -2.17 -25.38 1.54
C MET B 168 -0.81 -24.99 0.98
N ALA B 169 -0.41 -23.73 1.16
CA ALA B 169 0.84 -23.26 0.61
C ALA B 169 2.02 -24.05 1.15
N THR B 170 2.18 -24.08 2.47
CA THR B 170 3.34 -24.74 3.05
C THR B 170 3.48 -26.17 2.52
N GLN B 171 2.37 -26.87 2.33
CA GLN B 171 2.49 -28.21 1.78
C GLN B 171 2.88 -28.17 0.31
N LEU B 172 2.53 -27.09 -0.39
CA LEU B 172 2.97 -26.93 -1.77
C LEU B 172 4.43 -26.47 -1.86
N PHE B 173 4.71 -25.25 -1.40
CA PHE B 173 5.99 -24.60 -1.64
C PHE B 173 7.02 -24.88 -0.56
N GLY B 174 6.90 -26.00 0.15
CA GLY B 174 7.79 -26.27 1.26
C GLY B 174 9.14 -26.79 0.85
N GLU B 175 9.16 -27.61 -0.20
CA GLU B 175 10.39 -28.27 -0.62
C GLU B 175 11.38 -27.26 -1.19
N ARG B 176 10.97 -26.52 -2.21
CA ARG B 176 11.87 -25.65 -2.96
C ARG B 176 12.16 -24.32 -2.26
N PHE B 177 11.27 -23.88 -1.38
CA PHE B 177 11.37 -22.55 -0.76
C PHE B 177 11.04 -22.65 0.72
N PRO B 178 11.83 -23.43 1.46
CA PRO B 178 11.57 -23.56 2.91
C PRO B 178 11.76 -22.28 3.69
N GLU B 179 12.61 -21.34 3.24
CA GLU B 179 12.84 -20.14 4.04
C GLU B 179 11.56 -19.33 4.20
N TRP B 180 10.72 -19.28 3.17
CA TRP B 180 9.46 -18.54 3.22
C TRP B 180 8.26 -19.43 3.59
N PHE B 181 8.23 -20.68 3.13
CA PHE B 181 7.08 -21.56 3.30
C PHE B 181 7.46 -22.93 3.86
N GLY B 182 8.63 -23.06 4.49
CA GLY B 182 9.06 -24.38 4.94
C GLY B 182 8.05 -25.09 5.80
N THR B 183 7.35 -24.35 6.65
CA THR B 183 6.37 -24.91 7.56
C THR B 183 5.13 -24.03 7.56
N LEU B 184 4.16 -24.38 8.41
CA LEU B 184 2.94 -23.58 8.49
C LEU B 184 3.20 -22.19 9.04
N GLY B 185 4.21 -22.04 9.91
CA GLY B 185 4.52 -20.76 10.54
C GLY B 185 5.05 -19.71 9.58
N GLU B 186 6.16 -20.03 8.89
CA GLU B 186 6.68 -19.13 7.88
C GLU B 186 5.62 -18.83 6.83
N SER B 187 4.73 -19.79 6.57
CA SER B 187 3.65 -19.58 5.61
C SER B 187 2.63 -18.56 6.13
N PHE B 188 2.25 -18.66 7.41
CA PHE B 188 1.38 -17.66 8.00
C PHE B 188 2.01 -16.27 7.87
N TYR B 189 3.30 -16.17 8.22
CA TYR B 189 4.01 -14.90 8.14
C TYR B 189 3.98 -14.36 6.71
N THR B 190 4.36 -15.19 5.74
CA THR B 190 4.44 -14.74 4.36
C THR B 190 3.07 -14.38 3.80
N LEU B 191 2.02 -15.10 4.19
CA LEU B 191 0.68 -14.76 3.70
C LEU B 191 0.21 -13.43 4.28
N PHE B 192 0.46 -13.21 5.57
CA PHE B 192 0.19 -11.90 6.16
C PHE B 192 0.97 -10.81 5.42
N GLN B 193 2.25 -11.08 5.09
CA GLN B 193 3.04 -10.13 4.31
C GLN B 193 2.33 -9.79 3.01
N VAL B 194 1.95 -10.83 2.25
CA VAL B 194 1.24 -10.64 0.99
C VAL B 194 0.00 -9.77 1.19
N MET B 195 -0.74 -10.02 2.26
CA MET B 195 -1.94 -9.23 2.54
C MET B 195 -1.64 -7.74 2.51
N THR B 196 -0.46 -7.35 3.00
CA THR B 196 -0.06 -5.94 3.03
C THR B 196 0.44 -5.41 1.69
N LEU B 197 0.64 -6.28 0.70
CA LEU B 197 1.10 -5.86 -0.63
C LEU B 197 2.51 -5.28 -0.56
N GLU B 198 3.37 -5.90 0.27
CA GLU B 198 4.74 -5.46 0.45
C GLU B 198 5.69 -6.45 -0.23
N SER B 199 6.24 -6.05 -1.36
CA SER B 199 7.18 -6.89 -2.11
C SER B 199 6.61 -8.30 -2.28
N TRP B 200 5.33 -8.37 -2.67
CA TRP B 200 4.70 -9.67 -2.84
C TRP B 200 5.03 -10.29 -4.18
N SER B 201 5.30 -9.50 -5.22
CA SER B 201 5.70 -10.04 -6.51
C SER B 201 7.22 -10.19 -6.64
N MET B 202 7.96 -9.10 -6.42
CA MET B 202 9.39 -9.13 -6.71
C MET B 202 10.15 -10.02 -5.74
N GLY B 203 9.75 -10.03 -4.47
CA GLY B 203 10.51 -10.73 -3.47
C GLY B 203 9.96 -12.11 -3.18
N ILE B 204 8.74 -12.40 -3.63
CA ILE B 204 8.08 -13.66 -3.29
C ILE B 204 7.54 -14.37 -4.52
N VAL B 205 6.45 -13.85 -5.10
CA VAL B 205 5.72 -14.62 -6.09
C VAL B 205 6.60 -14.96 -7.28
N ARG B 206 7.31 -13.96 -7.85
CA ARG B 206 8.08 -14.25 -9.05
C ARG B 206 9.20 -15.26 -8.81
N PRO B 207 10.01 -15.15 -7.75
CA PRO B 207 10.95 -16.25 -7.48
C PRO B 207 10.26 -17.60 -7.40
N LEU B 208 9.07 -17.66 -6.80
CA LEU B 208 8.31 -18.91 -6.77
C LEU B 208 7.94 -19.37 -8.18
N MET B 209 7.40 -18.45 -8.98
CA MET B 209 6.99 -18.77 -10.34
C MET B 209 8.15 -19.33 -11.14
N GLU B 210 9.37 -18.84 -10.87
CA GLU B 210 10.54 -19.33 -11.60
C GLU B 210 10.61 -20.86 -11.58
N VAL B 211 10.15 -21.48 -10.49
CA VAL B 211 10.15 -22.95 -10.37
C VAL B 211 8.74 -23.52 -10.55
N TYR B 212 7.75 -22.98 -9.83
CA TYR B 212 6.38 -23.42 -9.94
C TYR B 212 5.63 -22.42 -10.81
N PRO B 213 5.45 -22.68 -12.11
CA PRO B 213 4.95 -21.60 -12.99
C PRO B 213 3.57 -21.12 -12.61
N TYR B 214 2.67 -22.02 -12.21
CA TYR B 214 1.29 -21.68 -11.99
C TYR B 214 0.98 -21.24 -10.56
N ALA B 215 1.99 -20.78 -9.81
CA ALA B 215 1.73 -20.29 -8.47
C ALA B 215 0.85 -19.05 -8.47
N TRP B 216 0.78 -18.32 -9.59
CA TRP B 216 -0.04 -17.11 -9.64
C TRP B 216 -1.49 -17.40 -9.29
N VAL B 217 -2.07 -18.45 -9.88
CA VAL B 217 -3.47 -18.78 -9.62
C VAL B 217 -3.73 -18.86 -8.13
N PHE B 218 -2.69 -19.19 -7.35
CA PHE B 218 -2.83 -19.27 -5.90
C PHE B 218 -3.08 -17.88 -5.30
N PHE B 219 -2.15 -16.95 -5.55
CA PHE B 219 -2.09 -15.74 -4.73
C PHE B 219 -3.09 -14.68 -5.19
N ILE B 220 -3.31 -14.55 -6.51
CA ILE B 220 -4.22 -13.51 -6.99
C ILE B 220 -5.63 -13.68 -6.45
N PRO B 221 -6.26 -14.86 -6.52
CA PRO B 221 -7.53 -15.03 -5.79
C PRO B 221 -7.38 -14.72 -4.32
N PHE B 222 -6.34 -15.27 -3.68
CA PHE B 222 -6.11 -15.01 -2.26
C PHE B 222 -6.19 -13.52 -1.97
N ILE B 223 -5.34 -12.74 -2.66
CA ILE B 223 -5.37 -11.28 -2.55
C ILE B 223 -6.82 -10.84 -2.59
N PHE B 224 -7.49 -11.11 -3.72
CA PHE B 224 -8.88 -10.72 -3.89
C PHE B 224 -9.60 -10.95 -2.57
N VAL B 225 -9.69 -12.22 -2.20
CA VAL B 225 -10.49 -12.65 -1.06
C VAL B 225 -10.15 -11.72 0.09
N VAL B 226 -8.91 -11.85 0.56
CA VAL B 226 -8.54 -11.13 1.77
C VAL B 226 -8.74 -9.64 1.56
N THR B 227 -8.22 -9.11 0.47
CA THR B 227 -8.33 -7.69 0.27
C THR B 227 -9.79 -7.27 0.28
N PHE B 228 -10.62 -7.93 -0.54
CA PHE B 228 -12.02 -7.57 -0.59
C PHE B 228 -12.66 -7.76 0.77
N VAL B 229 -12.35 -8.87 1.44
CA VAL B 229 -12.93 -9.09 2.76
C VAL B 229 -12.54 -7.96 3.70
N MET B 230 -11.28 -7.52 3.64
CA MET B 230 -10.87 -6.42 4.50
C MET B 230 -11.66 -5.18 4.20
N ILE B 231 -11.96 -4.94 2.91
CA ILE B 231 -12.82 -3.82 2.57
C ILE B 231 -14.17 -4.00 3.24
N ASN B 232 -14.74 -5.20 3.12
CA ASN B 232 -15.99 -5.49 3.81
C ASN B 232 -15.84 -5.15 5.29
N LEU B 233 -14.71 -5.53 5.88
CA LEU B 233 -14.49 -5.21 7.30
C LEU B 233 -14.60 -3.71 7.55
N VAL B 234 -13.90 -2.91 6.76
CA VAL B 234 -14.00 -1.47 6.95
C VAL B 234 -15.43 -1.02 6.70
N VAL B 235 -16.07 -1.58 5.67
CA VAL B 235 -17.46 -1.22 5.44
C VAL B 235 -18.30 -1.65 6.63
N ALA B 236 -17.99 -2.82 7.20
CA ALA B 236 -18.69 -3.26 8.41
C ALA B 236 -18.54 -2.22 9.51
N ILE B 237 -17.36 -1.61 9.61
CA ILE B 237 -17.16 -0.55 10.60
C ILE B 237 -18.09 0.63 10.29
N CYS B 238 -18.14 1.04 9.03
CA CYS B 238 -19.08 2.10 8.66
C CYS B 238 -20.52 1.71 8.94
N VAL B 239 -20.81 0.40 8.98
CA VAL B 239 -22.15 -0.06 9.37
C VAL B 239 -22.37 0.16 10.85
N ASP B 240 -21.36 -0.13 11.67
CA ASP B 240 -21.56 -0.12 13.11
C ASP B 240 -21.71 1.29 13.66
N ALA B 241 -21.19 2.29 12.96
CA ALA B 241 -21.32 3.67 13.41
C ALA B 241 -21.16 4.63 12.24
N SER C 17 -39.05 -45.17 6.05
CA SER C 17 -38.65 -46.49 6.53
C SER C 17 -38.03 -46.39 7.92
N HIS C 18 -37.93 -47.53 8.60
CA HIS C 18 -37.36 -47.56 9.95
C HIS C 18 -35.85 -47.32 9.95
N MET C 19 -35.12 -48.12 9.17
CA MET C 19 -33.67 -47.95 9.09
C MET C 19 -33.32 -46.61 8.43
N TYR C 20 -34.06 -46.26 7.38
CA TYR C 20 -33.89 -44.96 6.73
C TYR C 20 -34.08 -43.82 7.72
N LEU C 21 -35.13 -43.92 8.54
CA LEU C 21 -35.42 -42.85 9.49
C LEU C 21 -34.36 -42.77 10.58
N ARG C 22 -33.87 -43.91 11.08
CA ARG C 22 -32.81 -43.89 12.09
C ARG C 22 -31.55 -43.23 11.54
N ILE C 23 -31.13 -43.65 10.33
CA ILE C 23 -29.95 -43.06 9.72
C ILE C 23 -30.12 -41.56 9.55
N THR C 24 -31.31 -41.12 9.12
CA THR C 24 -31.54 -39.69 8.93
C THR C 24 -31.45 -38.93 10.25
N ASN C 25 -32.03 -39.50 11.32
CA ASN C 25 -31.95 -38.87 12.63
C ASN C 25 -30.51 -38.66 13.02
N ILE C 26 -29.67 -39.66 12.79
CA ILE C 26 -28.24 -39.52 13.11
C ILE C 26 -27.61 -38.43 12.25
N VAL C 27 -27.93 -38.39 10.96
CA VAL C 27 -27.26 -37.45 10.06
C VAL C 27 -27.57 -36.02 10.48
N GLU C 28 -28.84 -35.72 10.79
CA GLU C 28 -29.19 -34.34 11.13
C GLU C 28 -28.88 -33.98 12.57
N SER C 29 -28.70 -34.95 13.45
CA SER C 29 -28.32 -34.65 14.82
C SER C 29 -27.12 -33.72 14.83
N SER C 30 -27.21 -32.65 15.62
CA SER C 30 -26.09 -31.74 15.78
C SER C 30 -24.82 -32.49 16.16
N PHE C 31 -24.97 -33.59 16.90
CA PHE C 31 -23.80 -34.36 17.31
C PHE C 31 -23.01 -34.84 16.10
N PHE C 32 -23.67 -35.34 15.06
CA PHE C 32 -22.95 -35.85 13.91
C PHE C 32 -22.21 -34.74 13.17
N THR C 33 -22.88 -33.61 12.96
CA THR C 33 -22.22 -32.50 12.27
C THR C 33 -21.03 -31.99 13.07
N LYS C 34 -21.19 -31.84 14.39
CA LYS C 34 -20.06 -31.44 15.24
C LYS C 34 -18.95 -32.48 15.20
N PHE C 35 -19.32 -33.76 15.13
CA PHE C 35 -18.33 -34.81 15.03
C PHE C 35 -17.52 -34.65 13.75
N ILE C 36 -18.20 -34.42 12.63
CA ILE C 36 -17.48 -34.21 11.38
C ILE C 36 -16.62 -32.97 11.47
N ILE C 37 -17.13 -31.89 12.06
CA ILE C 37 -16.35 -30.66 12.15
C ILE C 37 -15.07 -30.91 12.93
N TYR C 38 -15.19 -31.55 14.09
CA TYR C 38 -14.01 -31.82 14.89
C TYR C 38 -13.09 -32.81 14.20
N LEU C 39 -13.66 -33.80 13.51
CA LEU C 39 -12.84 -34.73 12.75
C LEU C 39 -12.05 -34.00 11.67
N ILE C 40 -12.72 -33.08 10.98
CA ILE C 40 -12.08 -32.28 9.94
C ILE C 40 -10.98 -31.44 10.54
N VAL C 41 -11.25 -30.78 11.67
CA VAL C 41 -10.24 -29.96 12.32
C VAL C 41 -9.06 -30.82 12.73
N LEU C 42 -9.34 -32.03 13.20
CA LEU C 42 -8.27 -32.95 13.56
C LEU C 42 -7.44 -33.31 12.34
N ASN C 43 -8.11 -33.67 11.24
CA ASN C 43 -7.43 -33.93 9.98
C ASN C 43 -6.62 -32.72 9.56
N THR C 44 -7.15 -31.53 9.81
CA THR C 44 -6.50 -30.29 9.41
C THR C 44 -5.23 -30.08 10.22
N LEU C 45 -5.31 -30.28 11.53
CA LEU C 45 -4.11 -30.26 12.36
C LEU C 45 -3.12 -31.34 11.95
N PHE C 46 -3.63 -32.51 11.55
CA PHE C 46 -2.77 -33.63 11.18
C PHE C 46 -1.96 -33.29 9.93
N MET C 47 -2.65 -32.84 8.88
CA MET C 47 -1.98 -32.45 7.65
C MET C 47 -1.13 -31.20 7.88
N ALA C 48 -1.62 -30.28 8.72
CA ALA C 48 -0.92 -29.03 8.99
C ALA C 48 0.47 -29.28 9.51
N MET C 49 0.61 -30.22 10.46
CA MET C 49 1.92 -30.47 11.02
C MET C 49 2.77 -31.23 9.99
N GLU C 50 2.89 -30.66 8.79
CA GLU C 50 3.65 -31.24 7.69
C GLU C 50 4.74 -30.26 7.30
N HIS C 51 5.98 -30.70 7.40
CA HIS C 51 7.16 -29.90 7.06
C HIS C 51 7.91 -30.61 5.94
N HIS C 52 8.03 -29.97 4.79
CA HIS C 52 8.58 -30.75 3.68
C HIS C 52 10.02 -31.20 3.94
N PRO C 53 10.87 -30.43 4.65
CA PRO C 53 12.19 -30.96 5.00
C PRO C 53 12.01 -32.15 5.92
N MET C 54 11.43 -33.21 5.35
CA MET C 54 10.99 -34.38 6.07
C MET C 54 11.70 -35.62 5.54
N THR C 55 11.17 -36.20 4.46
CA THR C 55 11.76 -37.39 3.85
C THR C 55 11.96 -38.48 4.90
N GLU C 56 11.12 -38.47 5.92
CA GLU C 56 11.22 -39.43 7.00
C GLU C 56 10.14 -40.48 6.84
N GLU C 57 10.08 -41.40 7.80
CA GLU C 57 8.95 -42.32 7.82
C GLU C 57 7.68 -41.57 8.21
N PHE C 58 7.84 -40.38 8.78
CA PHE C 58 6.70 -39.55 9.14
C PHE C 58 5.79 -39.34 7.95
N LYS C 59 6.37 -39.06 6.77
CA LYS C 59 5.54 -38.81 5.60
C LYS C 59 4.61 -39.99 5.36
N ASN C 60 5.14 -41.21 5.46
CA ASN C 60 4.32 -42.39 5.20
C ASN C 60 3.11 -42.40 6.13
N VAL C 61 3.35 -42.17 7.41
CA VAL C 61 2.25 -42.18 8.37
C VAL C 61 1.24 -41.09 8.03
N LEU C 62 1.73 -39.90 7.65
CA LEU C 62 0.80 -38.85 7.25
C LEU C 62 -0.12 -39.36 6.15
N ALA C 63 0.45 -40.01 5.13
CA ALA C 63 -0.37 -40.53 4.06
C ALA C 63 -1.36 -41.54 4.60
N ILE C 64 -0.92 -42.40 5.52
CA ILE C 64 -1.82 -43.35 6.14
C ILE C 64 -2.97 -42.62 6.79
N GLY C 65 -2.66 -41.59 7.58
CA GLY C 65 -3.72 -40.81 8.19
C GLY C 65 -4.68 -40.28 7.16
N ASN C 66 -4.15 -39.71 6.07
CA ASN C 66 -5.04 -39.19 5.03
C ASN C 66 -6.07 -40.23 4.65
N LEU C 67 -5.60 -41.46 4.41
CA LEU C 67 -6.50 -42.50 3.94
C LEU C 67 -7.70 -42.60 4.87
N VAL C 68 -7.44 -42.74 6.16
CA VAL C 68 -8.55 -42.98 7.08
C VAL C 68 -9.56 -41.84 6.97
N PHE C 69 -9.08 -40.60 7.06
CA PHE C 69 -10.02 -39.49 7.08
C PHE C 69 -10.87 -39.49 5.82
N THR C 70 -10.24 -39.69 4.65
CA THR C 70 -11.03 -39.65 3.43
C THR C 70 -12.05 -40.77 3.43
N GLY C 71 -11.64 -41.96 3.87
CA GLY C 71 -12.60 -43.04 3.94
C GLY C 71 -13.78 -42.65 4.81
N ILE C 72 -13.49 -42.08 5.98
CA ILE C 72 -14.58 -41.65 6.85
C ILE C 72 -15.41 -40.59 6.16
N PHE C 73 -14.75 -39.64 5.50
CA PHE C 73 -15.50 -38.60 4.82
C PHE C 73 -16.31 -39.21 3.68
N ALA C 74 -15.74 -40.20 3.00
CA ALA C 74 -16.51 -40.89 1.98
C ALA C 74 -17.74 -41.50 2.63
N ILE C 75 -17.54 -42.21 3.73
CA ILE C 75 -18.69 -42.73 4.48
C ILE C 75 -19.68 -41.60 4.74
N GLU C 76 -19.21 -40.49 5.32
CA GLU C 76 -20.14 -39.42 5.67
C GLU C 76 -20.92 -38.97 4.45
N ILE C 77 -20.21 -38.72 3.34
CA ILE C 77 -20.90 -38.14 2.20
C ILE C 77 -21.91 -39.14 1.67
N ILE C 78 -21.56 -40.42 1.69
CA ILE C 78 -22.49 -41.45 1.25
C ILE C 78 -23.78 -41.34 2.05
N LEU C 79 -23.66 -41.25 3.37
CA LEU C 79 -24.86 -41.15 4.20
C LEU C 79 -25.67 -39.93 3.82
N ARG C 80 -25.01 -38.80 3.57
CA ARG C 80 -25.75 -37.61 3.20
C ARG C 80 -26.57 -37.87 1.94
N ILE C 81 -25.95 -38.50 0.95
CA ILE C 81 -26.68 -38.80 -0.28
C ILE C 81 -27.89 -39.66 0.03
N TYR C 82 -27.73 -40.64 0.93
CA TYR C 82 -28.85 -41.53 1.26
C TYR C 82 -30.05 -40.76 1.81
N VAL C 83 -29.82 -39.76 2.68
CA VAL C 83 -30.97 -39.10 3.30
C VAL C 83 -31.74 -38.30 2.26
N HIS C 84 -31.05 -37.37 1.60
CA HIS C 84 -31.67 -36.54 0.57
C HIS C 84 -30.83 -36.64 -0.69
N ARG C 85 -31.50 -36.75 -1.82
CA ARG C 85 -30.84 -36.92 -3.11
C ARG C 85 -30.72 -35.58 -3.80
N ILE C 86 -31.74 -35.23 -4.58
CA ILE C 86 -31.72 -34.02 -5.40
C ILE C 86 -31.56 -32.78 -4.53
N SER C 87 -32.10 -32.79 -3.32
CA SER C 87 -31.92 -31.65 -2.43
C SER C 87 -30.45 -31.45 -2.09
N PHE C 88 -29.71 -32.55 -1.92
CA PHE C 88 -28.30 -32.46 -1.56
C PHE C 88 -27.49 -31.81 -2.67
N PHE C 89 -27.74 -32.20 -3.93
CA PHE C 89 -27.00 -31.61 -5.05
C PHE C 89 -27.46 -30.18 -5.31
N LYS C 90 -28.75 -29.90 -5.11
CA LYS C 90 -29.26 -28.56 -5.35
C LYS C 90 -28.52 -27.52 -4.51
N ASP C 91 -28.22 -27.86 -3.26
CA ASP C 91 -27.52 -26.92 -2.40
C ASP C 91 -26.07 -26.82 -2.86
N PRO C 92 -25.61 -25.64 -3.30
CA PRO C 92 -24.22 -25.55 -3.77
C PRO C 92 -23.20 -26.00 -2.74
N TRP C 93 -23.32 -25.54 -1.50
CA TRP C 93 -22.33 -25.87 -0.49
C TRP C 93 -22.20 -27.38 -0.32
N SER C 94 -23.34 -28.07 -0.32
CA SER C 94 -23.34 -29.53 -0.20
C SER C 94 -22.66 -30.18 -1.40
N LEU C 95 -22.98 -29.74 -2.62
CA LEU C 95 -22.36 -30.33 -3.80
C LEU C 95 -20.86 -30.05 -3.81
N PHE C 96 -20.47 -28.82 -3.49
CA PHE C 96 -19.07 -28.47 -3.32
C PHE C 96 -18.37 -29.44 -2.39
N ASP C 97 -18.97 -29.70 -1.23
CA ASP C 97 -18.39 -30.64 -0.27
C ASP C 97 -18.27 -32.04 -0.87
N SER C 98 -19.31 -32.49 -1.58
CA SER C 98 -19.25 -33.79 -2.22
C SER C 98 -18.10 -33.84 -3.22
N LEU C 99 -17.92 -32.77 -3.99
CA LEU C 99 -16.84 -32.71 -4.97
C LEU C 99 -15.48 -32.79 -4.29
N ILE C 100 -15.33 -32.10 -3.16
CA ILE C 100 -14.04 -32.13 -2.46
C ILE C 100 -13.71 -33.54 -2.00
N VAL C 101 -14.66 -34.20 -1.35
CA VAL C 101 -14.41 -35.58 -0.91
C VAL C 101 -14.13 -36.46 -2.11
N THR C 102 -14.81 -36.20 -3.24
CA THR C 102 -14.61 -37.00 -4.44
C THR C 102 -13.18 -36.90 -4.94
N LEU C 103 -12.67 -35.67 -5.06
CA LEU C 103 -11.30 -35.49 -5.53
C LEU C 103 -10.31 -36.16 -4.58
N SER C 104 -10.54 -36.03 -3.27
CA SER C 104 -9.67 -36.72 -2.33
C SER C 104 -9.69 -38.23 -2.60
N LEU C 105 -10.88 -38.79 -2.81
CA LEU C 105 -10.99 -40.21 -3.13
C LEU C 105 -10.22 -40.56 -4.40
N VAL C 106 -10.27 -39.69 -5.41
CA VAL C 106 -9.58 -39.97 -6.66
C VAL C 106 -8.08 -40.08 -6.41
N GLU C 107 -7.50 -39.09 -5.73
CA GLU C 107 -6.09 -39.21 -5.40
C GLU C 107 -5.86 -40.48 -4.58
N LEU C 108 -6.87 -40.91 -3.83
CA LEU C 108 -6.75 -42.11 -3.01
C LEU C 108 -6.60 -43.37 -3.88
N PHE C 109 -7.34 -43.45 -4.99
CA PHE C 109 -7.28 -44.66 -5.82
C PHE C 109 -6.07 -44.69 -6.73
N LEU C 110 -5.55 -43.53 -7.15
CA LEU C 110 -4.44 -43.50 -8.08
C LEU C 110 -3.57 -42.29 -7.78
N ALA C 111 -2.42 -42.24 -8.45
CA ALA C 111 -1.44 -41.19 -8.22
C ALA C 111 -1.09 -40.55 -9.56
N ASP C 112 -0.56 -39.33 -9.44
CA ASP C 112 -0.20 -38.51 -10.57
C ASP C 112 1.07 -39.02 -11.25
N VAL C 113 1.26 -38.58 -12.50
CA VAL C 113 2.46 -38.95 -13.24
C VAL C 113 3.66 -38.21 -12.67
N GLU C 114 4.84 -38.84 -12.80
CA GLU C 114 6.06 -38.35 -12.18
C GLU C 114 6.32 -36.88 -12.49
N GLY C 115 6.07 -36.44 -13.73
CA GLY C 115 6.49 -35.12 -14.13
C GLY C 115 5.92 -34.01 -13.25
N LEU C 116 4.65 -34.12 -12.88
CA LEU C 116 3.96 -33.07 -12.12
C LEU C 116 3.08 -33.70 -11.05
N SER C 117 3.27 -33.27 -9.80
CA SER C 117 2.52 -33.83 -8.67
C SER C 117 1.26 -33.02 -8.38
N VAL C 118 0.32 -33.06 -9.33
CA VAL C 118 -0.96 -32.38 -9.12
C VAL C 118 -1.86 -33.14 -8.15
N LEU C 119 -1.80 -34.48 -8.17
CA LEU C 119 -2.79 -35.23 -7.39
C LEU C 119 -2.56 -35.09 -5.89
N ARG C 120 -1.30 -35.07 -5.45
CA ARG C 120 -1.05 -34.75 -4.05
C ARG C 120 -1.55 -33.34 -3.73
N SER C 121 -1.59 -32.47 -4.74
CA SER C 121 -2.16 -31.14 -4.54
C SER C 121 -3.66 -31.22 -4.29
N PHE C 122 -4.38 -32.07 -5.03
CA PHE C 122 -5.82 -32.23 -4.76
C PHE C 122 -6.02 -32.84 -3.37
N ARG C 123 -5.15 -33.75 -2.99
CA ARG C 123 -5.22 -34.35 -1.65
C ARG C 123 -5.12 -33.26 -0.60
N LEU C 124 -4.23 -32.29 -0.80
CA LEU C 124 -4.14 -31.15 0.12
C LEU C 124 -5.33 -30.20 -0.02
N LEU C 125 -5.89 -30.08 -1.24
CA LEU C 125 -7.03 -29.20 -1.46
C LEU C 125 -8.17 -29.56 -0.54
N ARG C 126 -8.36 -30.86 -0.32
CA ARG C 126 -9.46 -31.36 0.52
C ARG C 126 -9.82 -30.48 1.72
N VAL C 127 -8.91 -29.61 2.16
CA VAL C 127 -9.05 -28.87 3.43
C VAL C 127 -10.22 -27.89 3.47
N PHE C 128 -10.90 -27.63 2.36
CA PHE C 128 -11.98 -26.63 2.36
C PHE C 128 -13.22 -27.07 3.14
N ARG C 129 -13.29 -28.32 3.58
CA ARG C 129 -14.42 -28.71 4.41
C ARG C 129 -14.52 -27.82 5.63
N LEU C 130 -13.38 -27.35 6.13
CA LEU C 130 -13.37 -26.49 7.29
C LEU C 130 -14.33 -25.32 7.14
N VAL C 131 -14.64 -24.94 5.90
CA VAL C 131 -15.65 -23.93 5.64
C VAL C 131 -16.97 -24.54 5.20
N THR C 132 -16.93 -25.59 4.37
CA THR C 132 -18.21 -26.09 3.85
C THR C 132 -18.97 -26.89 4.89
N ALA C 133 -18.28 -27.74 5.65
CA ALA C 133 -18.95 -28.52 6.70
C ALA C 133 -19.30 -27.68 7.91
N VAL C 134 -18.85 -26.44 7.99
CA VAL C 134 -19.15 -25.54 9.10
C VAL C 134 -20.30 -24.63 8.67
N PRO C 135 -21.40 -24.58 9.42
CA PRO C 135 -22.54 -23.76 8.97
C PRO C 135 -22.32 -22.26 9.11
N GLN C 136 -21.66 -21.80 10.18
CA GLN C 136 -21.41 -20.37 10.33
C GLN C 136 -20.53 -19.85 9.21
N MET C 137 -19.43 -20.56 8.91
CA MET C 137 -18.62 -20.20 7.76
C MET C 137 -19.46 -20.19 6.49
N ARG C 138 -20.32 -21.18 6.34
CA ARG C 138 -21.21 -21.23 5.18
C ARG C 138 -22.03 -19.94 5.09
N LYS C 139 -22.62 -19.52 6.19
CA LYS C 139 -23.49 -18.34 6.17
C LYS C 139 -22.70 -17.07 5.86
N ILE C 140 -21.53 -16.91 6.45
CA ILE C 140 -20.73 -15.70 6.20
C ILE C 140 -20.28 -15.65 4.75
N VAL C 141 -19.71 -16.75 4.26
CA VAL C 141 -19.26 -16.79 2.88
C VAL C 141 -20.43 -16.63 1.92
N SER C 142 -21.61 -17.13 2.30
CA SER C 142 -22.80 -16.94 1.48
C SER C 142 -23.19 -15.47 1.44
N ALA C 143 -23.03 -14.76 2.56
CA ALA C 143 -23.24 -13.32 2.55
C ALA C 143 -22.30 -12.65 1.56
N LEU C 144 -21.03 -13.06 1.56
CA LEU C 144 -20.06 -12.44 0.67
C LEU C 144 -20.36 -12.74 -0.80
N ILE C 145 -20.76 -13.98 -1.11
CA ILE C 145 -21.10 -14.34 -2.48
C ILE C 145 -22.40 -13.66 -2.91
N SER C 146 -23.29 -13.36 -1.96
CA SER C 146 -24.47 -12.56 -2.29
C SER C 146 -24.09 -11.11 -2.55
N VAL C 147 -23.03 -10.62 -1.90
CA VAL C 147 -22.58 -9.25 -2.14
C VAL C 147 -21.95 -9.12 -3.53
N ILE C 148 -21.14 -10.10 -3.95
CA ILE C 148 -20.32 -9.91 -5.16
C ILE C 148 -21.15 -9.55 -6.39
N PRO C 149 -22.31 -10.16 -6.66
CA PRO C 149 -22.99 -9.86 -7.94
C PRO C 149 -23.30 -8.38 -8.12
N GLY C 150 -23.69 -7.69 -7.06
CA GLY C 150 -23.98 -6.26 -7.17
C GLY C 150 -22.81 -5.46 -7.73
N MET C 151 -21.60 -6.00 -7.66
CA MET C 151 -20.42 -5.36 -8.21
C MET C 151 -19.78 -6.15 -9.34
N LEU C 152 -20.32 -7.30 -9.71
CA LEU C 152 -19.78 -8.04 -10.85
C LEU C 152 -19.70 -7.18 -12.10
N SER C 153 -20.61 -6.22 -12.26
CA SER C 153 -20.53 -5.32 -13.41
C SER C 153 -19.21 -4.57 -13.39
N VAL C 154 -18.85 -3.98 -12.24
CA VAL C 154 -17.57 -3.29 -12.12
C VAL C 154 -16.41 -4.26 -12.22
N ILE C 155 -16.56 -5.47 -11.68
CA ILE C 155 -15.52 -6.49 -11.83
C ILE C 155 -15.22 -6.72 -13.30
N ALA C 156 -16.28 -6.90 -14.09
CA ALA C 156 -16.13 -7.15 -15.52
C ALA C 156 -15.56 -5.92 -16.23
N LEU C 157 -16.02 -4.72 -15.87
CA LEU C 157 -15.45 -3.52 -16.46
C LEU C 157 -13.96 -3.44 -16.21
N MET C 158 -13.55 -3.69 -14.96
CA MET C 158 -12.14 -3.61 -14.61
C MET C 158 -11.35 -4.71 -15.30
N THR C 159 -11.96 -5.89 -15.45
CA THR C 159 -11.29 -6.97 -16.18
C THR C 159 -11.10 -6.60 -17.65
N LEU C 160 -12.10 -5.95 -18.25
CA LEU C 160 -11.97 -5.49 -19.63
C LEU C 160 -10.89 -4.42 -19.74
N PHE C 161 -10.83 -3.50 -18.77
CA PHE C 161 -9.77 -2.51 -18.75
C PHE C 161 -8.40 -3.19 -18.67
N PHE C 162 -8.27 -4.20 -17.80
CA PHE C 162 -7.03 -4.96 -17.72
C PHE C 162 -6.67 -5.56 -19.07
N TYR C 163 -7.65 -6.17 -19.72
CA TYR C 163 -7.43 -6.80 -21.01
C TYR C 163 -6.89 -5.78 -22.03
N ILE C 164 -7.55 -4.62 -22.11
CA ILE C 164 -7.18 -3.60 -23.09
C ILE C 164 -5.78 -3.07 -22.81
N PHE C 165 -5.54 -2.62 -21.57
CA PHE C 165 -4.24 -2.07 -21.22
C PHE C 165 -3.14 -3.09 -21.40
N ALA C 166 -3.45 -4.38 -21.16
CA ALA C 166 -2.45 -5.43 -21.29
C ALA C 166 -2.06 -5.64 -22.75
N ILE C 167 -3.06 -5.69 -23.63
CA ILE C 167 -2.77 -5.78 -25.06
C ILE C 167 -1.84 -4.64 -25.47
N MET C 168 -2.22 -3.41 -25.11
CA MET C 168 -1.45 -2.24 -25.50
C MET C 168 -0.01 -2.36 -25.01
N ALA C 169 0.18 -2.60 -23.71
CA ALA C 169 1.53 -2.68 -23.16
C ALA C 169 2.33 -3.78 -23.86
N THR C 170 1.80 -5.01 -23.88
CA THR C 170 2.55 -6.12 -24.46
C THR C 170 3.03 -5.78 -25.86
N GLN C 171 2.21 -5.06 -26.64
CA GLN C 171 2.66 -4.67 -27.97
C GLN C 171 3.71 -3.57 -27.91
N LEU C 172 3.70 -2.74 -26.86
CA LEU C 172 4.74 -1.73 -26.72
C LEU C 172 6.04 -2.33 -26.16
N PHE C 173 6.00 -2.81 -24.93
CA PHE C 173 7.21 -3.17 -24.18
C PHE C 173 7.61 -4.63 -24.38
N GLY C 174 7.23 -5.23 -25.50
CA GLY C 174 7.50 -6.64 -25.72
C GLY C 174 8.92 -6.91 -26.19
N GLU C 175 9.48 -6.01 -26.99
CA GLU C 175 10.78 -6.24 -27.58
C GLU C 175 11.88 -6.25 -26.51
N ARG C 176 12.02 -5.14 -25.79
CA ARG C 176 13.15 -4.99 -24.88
C ARG C 176 12.93 -5.69 -23.55
N PHE C 177 11.68 -5.90 -23.14
CA PHE C 177 11.35 -6.39 -21.80
C PHE C 177 10.38 -7.56 -21.88
N PRO C 178 10.77 -8.64 -22.54
CA PRO C 178 9.87 -9.80 -22.61
C PRO C 178 9.61 -10.46 -21.27
N GLU C 179 10.52 -10.32 -20.29
CA GLU C 179 10.32 -11.00 -19.00
C GLU C 179 9.07 -10.51 -18.30
N TRP C 180 8.77 -9.21 -18.40
CA TRP C 180 7.59 -8.62 -17.77
C TRP C 180 6.41 -8.51 -18.73
N PHE C 181 6.68 -8.24 -20.02
CA PHE C 181 5.62 -7.97 -21.00
C PHE C 181 5.78 -8.80 -22.26
N GLY C 182 6.55 -9.90 -22.21
CA GLY C 182 6.77 -10.67 -23.43
C GLY C 182 5.49 -11.10 -24.10
N THR C 183 4.47 -11.43 -23.31
CA THR C 183 3.18 -11.87 -23.83
C THR C 183 2.08 -11.18 -23.04
N LEU C 184 0.83 -11.52 -23.39
CA LEU C 184 -0.32 -10.94 -22.71
C LEU C 184 -0.40 -11.40 -21.26
N GLY C 185 0.10 -12.60 -20.96
CA GLY C 185 0.05 -13.14 -19.61
C GLY C 185 0.91 -12.39 -18.62
N GLU C 186 2.21 -12.30 -18.93
CA GLU C 186 3.09 -11.52 -18.08
C GLU C 186 2.62 -10.08 -17.97
N SER C 187 1.97 -9.57 -19.02
CA SER C 187 1.44 -8.20 -18.99
C SER C 187 0.27 -8.08 -18.03
N PHE C 188 -0.66 -9.05 -18.06
CA PHE C 188 -1.77 -9.08 -17.11
C PHE C 188 -1.25 -9.12 -15.68
N TYR C 189 -0.30 -10.03 -15.43
CA TYR C 189 0.30 -10.17 -14.10
C TYR C 189 0.93 -8.87 -13.64
N THR C 190 1.79 -8.28 -14.48
CA THR C 190 2.51 -7.08 -14.10
C THR C 190 1.56 -5.90 -13.90
N LEU C 191 0.46 -5.84 -14.67
CA LEU C 191 -0.50 -4.75 -14.50
C LEU C 191 -1.27 -4.90 -13.19
N PHE C 192 -1.68 -6.12 -12.84
CA PHE C 192 -2.25 -6.35 -11.52
C PHE C 192 -1.26 -5.94 -10.42
N GLN C 193 0.01 -6.31 -10.58
CA GLN C 193 1.05 -5.89 -9.65
C GLN C 193 1.06 -4.38 -9.48
N VAL C 194 1.16 -3.66 -10.60
CA VAL C 194 1.16 -2.20 -10.56
C VAL C 194 -0.07 -1.69 -9.81
N MET C 195 -1.23 -2.28 -10.09
CA MET C 195 -2.43 -1.92 -9.35
C MET C 195 -2.23 -2.03 -7.85
N THR C 196 -1.47 -3.03 -7.40
CA THR C 196 -1.25 -3.18 -5.96
C THR C 196 -0.23 -2.20 -5.38
N LEU C 197 0.47 -1.41 -6.22
CA LEU C 197 1.46 -0.45 -5.74
C LEU C 197 2.65 -1.15 -5.07
N GLU C 198 3.05 -2.29 -5.63
CA GLU C 198 4.17 -3.08 -5.10
C GLU C 198 5.37 -2.94 -6.04
N SER C 199 6.37 -2.17 -5.61
CA SER C 199 7.61 -1.99 -6.38
C SER C 199 7.27 -1.64 -7.84
N TRP C 200 6.35 -0.70 -8.02
CA TRP C 200 5.93 -0.35 -9.37
C TRP C 200 6.89 0.63 -10.04
N SER C 201 7.55 1.51 -9.27
CA SER C 201 8.54 2.41 -9.86
C SER C 201 9.95 1.82 -9.87
N MET C 202 10.43 1.35 -8.72
CA MET C 202 11.83 0.96 -8.62
C MET C 202 12.14 -0.28 -9.46
N GLY C 203 11.21 -1.22 -9.51
CA GLY C 203 11.49 -2.49 -10.16
C GLY C 203 10.95 -2.57 -11.56
N ILE C 204 10.06 -1.65 -11.95
CA ILE C 204 9.35 -1.76 -13.22
C ILE C 204 9.46 -0.48 -14.02
N VAL C 205 8.75 0.57 -13.61
CA VAL C 205 8.60 1.74 -14.47
C VAL C 205 9.95 2.35 -14.77
N ARG C 206 10.79 2.58 -13.76
CA ARG C 206 12.06 3.24 -14.02
C ARG C 206 12.97 2.42 -14.93
N PRO C 207 13.15 1.12 -14.73
CA PRO C 207 13.90 0.34 -15.73
C PRO C 207 13.34 0.48 -17.14
N LEU C 208 12.02 0.52 -17.28
CA LEU C 208 11.42 0.71 -18.60
C LEU C 208 11.79 2.08 -19.17
N MET C 209 11.65 3.12 -18.34
CA MET C 209 11.96 4.47 -18.79
C MET C 209 13.37 4.59 -19.35
N GLU C 210 14.31 3.79 -18.82
CA GLU C 210 15.69 3.85 -19.29
C GLU C 210 15.77 3.72 -20.81
N VAL C 211 14.89 2.94 -21.42
CA VAL C 211 14.86 2.76 -22.87
C VAL C 211 13.72 3.55 -23.51
N TYR C 212 12.51 3.39 -22.97
CA TYR C 212 11.35 4.10 -23.49
C TYR C 212 11.02 5.25 -22.55
N PRO C 213 11.46 6.49 -22.83
CA PRO C 213 11.41 7.53 -21.80
C PRO C 213 10.00 7.90 -21.37
N TYR C 214 9.06 7.99 -22.31
CA TYR C 214 7.72 8.51 -22.01
C TYR C 214 6.75 7.41 -21.58
N ALA C 215 7.26 6.26 -21.12
CA ALA C 215 6.36 5.21 -20.64
C ALA C 215 5.58 5.67 -19.41
N TRP C 216 6.06 6.67 -18.68
CA TRP C 216 5.36 7.15 -17.50
C TRP C 216 3.93 7.56 -17.85
N VAL C 217 3.77 8.30 -18.95
CA VAL C 217 2.44 8.76 -19.37
C VAL C 217 1.47 7.58 -19.44
N PHE C 218 1.99 6.38 -19.66
CA PHE C 218 1.16 5.19 -19.71
C PHE C 218 0.60 4.86 -18.33
N PHE C 219 1.48 4.63 -17.36
CA PHE C 219 1.09 3.94 -16.14
C PHE C 219 0.39 4.88 -15.16
N ILE C 220 0.83 6.13 -15.09
CA ILE C 220 0.24 7.06 -14.12
C ILE C 220 -1.25 7.24 -14.32
N PRO C 221 -1.74 7.52 -15.54
CA PRO C 221 -3.21 7.48 -15.72
C PRO C 221 -3.79 6.14 -15.36
N PHE C 222 -3.17 5.05 -15.82
CA PHE C 222 -3.67 3.71 -15.50
C PHE C 222 -3.89 3.59 -13.99
N ILE C 223 -2.84 3.83 -13.22
CA ILE C 223 -2.92 3.84 -11.76
C ILE C 223 -4.19 4.56 -11.35
N PHE C 224 -4.30 5.83 -11.75
CA PHE C 224 -5.48 6.62 -11.45
C PHE C 224 -6.71 5.76 -11.70
N VAL C 225 -6.94 5.47 -12.98
CA VAL C 225 -8.20 4.85 -13.41
C VAL C 225 -8.51 3.65 -12.53
N VAL C 226 -7.65 2.63 -12.61
CA VAL C 226 -7.92 1.40 -11.89
C VAL C 226 -8.08 1.68 -10.41
N THR C 227 -7.12 2.39 -9.82
CA THR C 227 -7.23 2.65 -8.39
C THR C 227 -8.54 3.36 -8.13
N PHE C 228 -8.83 4.37 -8.93
CA PHE C 228 -10.06 5.12 -8.77
C PHE C 228 -11.27 4.20 -8.88
N VAL C 229 -11.27 3.33 -9.90
CA VAL C 229 -12.38 2.40 -10.06
C VAL C 229 -12.49 1.50 -8.83
N MET C 230 -11.35 1.05 -8.30
CA MET C 230 -11.42 0.21 -7.10
C MET C 230 -12.05 0.98 -5.95
N ILE C 231 -11.78 2.28 -5.86
CA ILE C 231 -12.48 3.08 -4.86
C ILE C 231 -13.97 2.98 -5.09
N ASN C 232 -14.41 3.18 -6.34
CA ASN C 232 -15.82 3.02 -6.66
C ASN C 232 -16.30 1.64 -6.22
N LEU C 233 -15.51 0.59 -6.48
CA LEU C 233 -15.91 -0.75 -6.05
C LEU C 233 -16.11 -0.77 -4.54
N VAL C 234 -15.12 -0.26 -3.80
CA VAL C 234 -15.26 -0.19 -2.36
C VAL C 234 -16.45 0.68 -2.00
N VAL C 235 -16.63 1.78 -2.72
CA VAL C 235 -17.79 2.64 -2.49
C VAL C 235 -19.07 1.85 -2.72
N ALA C 236 -19.08 1.00 -3.76
CA ALA C 236 -20.24 0.16 -3.99
C ALA C 236 -20.51 -0.71 -2.77
N ILE C 237 -19.46 -1.24 -2.13
CA ILE C 237 -19.67 -2.00 -0.91
C ILE C 237 -20.27 -1.09 0.16
N CYS C 238 -19.71 0.12 0.30
CA CYS C 238 -20.29 1.08 1.22
C CYS C 238 -21.72 1.40 0.83
N VAL C 239 -22.01 1.44 -0.48
CA VAL C 239 -23.39 1.63 -0.92
C VAL C 239 -24.27 0.51 -0.40
N ASP C 240 -23.79 -0.73 -0.48
CA ASP C 240 -24.58 -1.86 0.02
C ASP C 240 -24.74 -1.79 1.54
N ALA C 241 -23.93 -0.99 2.21
CA ALA C 241 -23.96 -0.92 3.67
C ALA C 241 -24.85 0.20 4.18
N MET C 242 -24.67 1.41 3.67
CA MET C 242 -25.46 2.55 4.10
C MET C 242 -26.69 2.71 3.21
N SER D 17 -35.27 9.03 -50.03
CA SER D 17 -34.63 8.62 -48.78
C SER D 17 -34.95 7.17 -48.45
N HIS D 18 -35.39 6.43 -49.47
CA HIS D 18 -35.67 5.00 -49.33
C HIS D 18 -34.38 4.22 -49.10
N MET D 19 -33.38 4.47 -49.94
CA MET D 19 -32.07 3.86 -49.72
C MET D 19 -31.44 4.39 -48.45
N TYR D 20 -31.59 5.70 -48.21
CA TYR D 20 -31.15 6.29 -46.95
C TYR D 20 -31.83 5.63 -45.76
N LEU D 21 -33.14 5.38 -45.87
CA LEU D 21 -33.87 4.76 -44.77
C LEU D 21 -33.38 3.34 -44.52
N ARG D 22 -33.11 2.58 -45.59
CA ARG D 22 -32.57 1.23 -45.42
C ARG D 22 -31.22 1.28 -44.70
N ILE D 23 -30.35 2.18 -45.15
CA ILE D 23 -29.04 2.32 -44.52
C ILE D 23 -29.20 2.65 -43.04
N THR D 24 -30.13 3.54 -42.72
CA THR D 24 -30.35 3.91 -41.32
C THR D 24 -30.83 2.73 -40.49
N ASN D 25 -31.79 1.96 -41.04
CA ASN D 25 -32.28 0.78 -40.34
C ASN D 25 -31.14 -0.18 -40.04
N ILE D 26 -30.25 -0.38 -41.02
CA ILE D 26 -29.11 -1.26 -40.79
C ILE D 26 -28.20 -0.70 -39.71
N VAL D 27 -27.93 0.60 -39.76
CA VAL D 27 -26.97 1.17 -38.80
C VAL D 27 -27.50 1.03 -37.38
N GLU D 28 -28.77 1.34 -37.16
CA GLU D 28 -29.31 1.30 -35.81
C GLU D 28 -29.77 -0.09 -35.39
N SER D 29 -30.01 -1.00 -36.32
CA SER D 29 -30.38 -2.36 -35.95
C SER D 29 -29.39 -2.90 -34.92
N SER D 30 -29.93 -3.47 -33.84
CA SER D 30 -29.06 -4.06 -32.83
C SER D 30 -28.08 -5.03 -33.45
N PHE D 31 -28.48 -5.69 -34.55
CA PHE D 31 -27.58 -6.62 -35.21
C PHE D 31 -26.31 -5.94 -35.65
N PHE D 32 -26.40 -4.74 -36.24
CA PHE D 32 -25.20 -4.08 -36.74
C PHE D 32 -24.26 -3.70 -35.61
N THR D 33 -24.79 -3.13 -34.51
CA THR D 33 -23.94 -2.77 -33.40
C THR D 33 -23.28 -4.00 -32.79
N LYS D 34 -24.05 -5.08 -32.60
CA LYS D 34 -23.46 -6.31 -32.07
C LYS D 34 -22.42 -6.86 -33.05
N PHE D 35 -22.67 -6.72 -34.35
CA PHE D 35 -21.71 -7.16 -35.35
C PHE D 35 -20.42 -6.39 -35.23
N ILE D 36 -20.51 -5.07 -35.10
CA ILE D 36 -19.31 -4.27 -34.92
C ILE D 36 -18.61 -4.66 -33.64
N ILE D 37 -19.37 -4.88 -32.56
CA ILE D 37 -18.76 -5.24 -31.29
C ILE D 37 -18.01 -6.56 -31.43
N TYR D 38 -18.63 -7.55 -32.05
CA TYR D 38 -17.98 -8.84 -32.21
C TYR D 38 -16.81 -8.76 -33.16
N LEU D 39 -16.92 -7.96 -34.22
CA LEU D 39 -15.79 -7.77 -35.11
C LEU D 39 -14.62 -7.14 -34.37
N ILE D 40 -14.93 -6.15 -33.53
CA ILE D 40 -13.91 -5.46 -32.73
C ILE D 40 -13.25 -6.44 -31.77
N VAL D 41 -14.05 -7.27 -31.11
CA VAL D 41 -13.50 -8.25 -30.18
C VAL D 41 -12.62 -9.24 -30.94
N LEU D 42 -13.04 -9.61 -32.14
CA LEU D 42 -12.22 -10.50 -32.95
C LEU D 42 -10.89 -9.83 -33.27
N ASN D 43 -10.94 -8.57 -33.71
CA ASN D 43 -9.72 -7.81 -33.95
C ASN D 43 -8.88 -7.71 -32.69
N THR D 44 -9.54 -7.60 -31.53
CA THR D 44 -8.84 -7.46 -30.27
C THR D 44 -8.09 -8.73 -29.92
N LEU D 45 -8.76 -9.88 -30.01
CA LEU D 45 -8.08 -11.15 -29.83
C LEU D 45 -6.96 -11.30 -30.85
N PHE D 46 -7.18 -10.78 -32.06
CA PHE D 46 -6.19 -10.92 -33.13
C PHE D 46 -4.89 -10.20 -32.78
N MET D 47 -4.97 -8.90 -32.47
CA MET D 47 -3.76 -8.18 -32.06
C MET D 47 -3.25 -8.70 -30.73
N ALA D 48 -4.17 -9.06 -29.83
CA ALA D 48 -3.79 -9.54 -28.51
C ALA D 48 -2.88 -10.75 -28.60
N MET D 49 -3.19 -11.70 -29.49
CA MET D 49 -2.31 -12.86 -29.61
C MET D 49 -1.02 -12.46 -30.31
N GLU D 50 -0.36 -11.41 -29.81
CA GLU D 50 0.87 -10.90 -30.39
C GLU D 50 1.95 -10.97 -29.32
N HIS D 51 3.02 -11.70 -29.62
CA HIS D 51 4.17 -11.80 -28.73
C HIS D 51 5.36 -11.23 -29.47
N HIS D 52 5.90 -10.12 -28.98
CA HIS D 52 6.92 -9.45 -29.76
C HIS D 52 8.18 -10.28 -29.94
N PRO D 53 8.62 -11.11 -28.95
CA PRO D 53 9.76 -11.99 -29.23
C PRO D 53 9.37 -13.07 -30.24
N MET D 54 9.06 -12.62 -31.45
CA MET D 54 8.61 -13.46 -32.55
C MET D 54 9.54 -13.27 -33.75
N THR D 55 9.45 -12.14 -34.44
CA THR D 55 10.25 -11.90 -35.65
C THR D 55 9.97 -12.97 -36.71
N GLU D 56 8.73 -13.44 -36.76
CA GLU D 56 8.30 -14.47 -37.69
C GLU D 56 7.55 -13.82 -38.84
N GLU D 57 7.14 -14.64 -39.81
CA GLU D 57 6.27 -14.15 -40.86
C GLU D 57 4.90 -13.76 -40.30
N PHE D 58 4.64 -14.17 -39.05
CA PHE D 58 3.41 -13.83 -38.33
C PHE D 58 3.15 -12.33 -38.29
N LYS D 59 4.20 -11.52 -38.08
CA LYS D 59 4.02 -10.07 -37.93
C LYS D 59 3.32 -9.47 -39.16
N ASN D 60 3.73 -9.87 -40.36
CA ASN D 60 3.11 -9.37 -41.58
C ASN D 60 1.63 -9.71 -41.60
N VAL D 61 1.29 -10.94 -41.21
CA VAL D 61 -0.11 -11.36 -41.15
C VAL D 61 -0.90 -10.50 -40.17
N LEU D 62 -0.30 -10.19 -39.02
CA LEU D 62 -0.96 -9.33 -38.06
C LEU D 62 -1.29 -7.98 -38.69
N ALA D 63 -0.33 -7.40 -39.42
CA ALA D 63 -0.57 -6.13 -40.11
C ALA D 63 -1.70 -6.25 -41.12
N ILE D 64 -1.74 -7.37 -41.86
CA ILE D 64 -2.80 -7.60 -42.84
C ILE D 64 -4.18 -7.60 -42.16
N GLY D 65 -4.29 -8.37 -41.07
CA GLY D 65 -5.54 -8.38 -40.32
C GLY D 65 -5.95 -7.00 -39.87
N ASN D 66 -4.99 -6.23 -39.32
CA ASN D 66 -5.27 -4.85 -38.95
C ASN D 66 -5.88 -4.12 -40.14
N LEU D 67 -5.26 -4.27 -41.31
CA LEU D 67 -5.73 -3.57 -42.49
C LEU D 67 -7.20 -3.85 -42.71
N VAL D 68 -7.57 -5.13 -42.71
CA VAL D 68 -8.95 -5.50 -43.03
C VAL D 68 -9.91 -4.90 -42.00
N PHE D 69 -9.62 -5.12 -40.72
CA PHE D 69 -10.55 -4.64 -39.70
C PHE D 69 -10.69 -3.13 -39.77
N THR D 70 -9.60 -2.41 -39.99
CA THR D 70 -9.68 -0.95 -40.07
C THR D 70 -10.50 -0.52 -41.27
N GLY D 71 -10.31 -1.19 -42.41
CA GLY D 71 -11.14 -0.86 -43.57
C GLY D 71 -12.61 -1.03 -43.26
N ILE D 72 -12.97 -2.13 -42.59
CA ILE D 72 -14.37 -2.36 -42.23
C ILE D 72 -14.84 -1.28 -41.26
N PHE D 73 -14.00 -0.88 -40.32
CA PHE D 73 -14.39 0.16 -39.37
C PHE D 73 -14.58 1.50 -40.07
N ALA D 74 -13.75 1.79 -41.07
CA ALA D 74 -13.94 2.98 -41.88
C ALA D 74 -15.27 2.93 -42.61
N ILE D 75 -15.59 1.78 -43.23
CA ILE D 75 -16.91 1.60 -43.83
C ILE D 75 -18.00 1.94 -42.82
N GLU D 76 -17.93 1.31 -41.64
CA GLU D 76 -18.93 1.52 -40.62
C GLU D 76 -19.05 2.98 -40.26
N ILE D 77 -17.91 3.65 -40.06
CA ILE D 77 -17.93 5.02 -39.59
C ILE D 77 -18.48 5.94 -40.67
N ILE D 78 -18.18 5.64 -41.94
CA ILE D 78 -18.79 6.39 -43.03
C ILE D 78 -20.31 6.23 -42.99
N LEU D 79 -20.79 5.01 -42.77
CA LEU D 79 -22.23 4.81 -42.65
C LEU D 79 -22.81 5.60 -41.48
N ARG D 80 -22.14 5.58 -40.34
CA ARG D 80 -22.59 6.35 -39.19
C ARG D 80 -22.65 7.84 -39.53
N ILE D 81 -21.65 8.33 -40.26
CA ILE D 81 -21.62 9.72 -40.68
C ILE D 81 -22.82 10.02 -41.58
N TYR D 82 -23.06 9.17 -42.57
CA TYR D 82 -24.18 9.39 -43.48
C TYR D 82 -25.49 9.42 -42.71
N VAL D 83 -25.61 8.54 -41.72
CA VAL D 83 -26.84 8.39 -40.94
C VAL D 83 -27.09 9.63 -40.09
N HIS D 84 -26.09 10.08 -39.34
CA HIS D 84 -26.33 11.11 -38.34
C HIS D 84 -25.98 12.52 -38.80
N ARG D 85 -25.07 12.71 -39.75
CA ARG D 85 -24.64 14.04 -40.16
C ARG D 85 -24.00 14.69 -38.93
N ILE D 86 -24.26 15.98 -38.68
CA ILE D 86 -23.66 16.66 -37.54
C ILE D 86 -24.09 16.03 -36.24
N SER D 87 -25.23 15.32 -36.21
CA SER D 87 -25.66 14.66 -34.99
C SER D 87 -24.58 13.70 -34.48
N PHE D 88 -23.86 13.07 -35.41
CA PHE D 88 -22.80 12.13 -35.01
C PHE D 88 -21.70 12.85 -34.24
N PHE D 89 -21.33 14.05 -34.69
CA PHE D 89 -20.25 14.79 -34.04
C PHE D 89 -20.65 15.28 -32.66
N LYS D 90 -21.92 15.65 -32.48
CA LYS D 90 -22.37 16.16 -31.18
C LYS D 90 -22.12 15.14 -30.08
N ASP D 91 -22.34 13.86 -30.34
CA ASP D 91 -22.14 12.83 -29.33
C ASP D 91 -20.64 12.62 -29.13
N PRO D 92 -20.10 12.80 -27.92
CA PRO D 92 -18.66 12.58 -27.74
C PRO D 92 -18.23 11.20 -28.18
N TRP D 93 -18.92 10.15 -27.72
CA TRP D 93 -18.50 8.79 -28.05
C TRP D 93 -18.43 8.60 -29.55
N SER D 94 -19.35 9.22 -30.28
CA SER D 94 -19.29 9.15 -31.73
C SER D 94 -18.01 9.77 -32.26
N LEU D 95 -17.65 10.95 -31.74
CA LEU D 95 -16.43 11.60 -32.18
C LEU D 95 -15.20 10.79 -31.80
N PHE D 96 -15.17 10.28 -30.57
CA PHE D 96 -14.10 9.42 -30.10
C PHE D 96 -13.89 8.25 -31.06
N ASP D 97 -14.99 7.57 -31.42
CA ASP D 97 -14.92 6.44 -32.34
C ASP D 97 -14.44 6.85 -33.71
N SER D 98 -14.95 7.97 -34.22
CA SER D 98 -14.50 8.47 -35.51
C SER D 98 -13.01 8.78 -35.48
N LEU D 99 -12.55 9.37 -34.38
CA LEU D 99 -11.14 9.69 -34.22
C LEU D 99 -10.29 8.43 -34.22
N ILE D 100 -10.72 7.40 -33.51
CA ILE D 100 -9.93 6.16 -33.44
C ILE D 100 -9.82 5.52 -34.82
N VAL D 101 -10.96 5.39 -35.51
CA VAL D 101 -10.93 4.81 -36.85
C VAL D 101 -10.05 5.66 -37.76
N THR D 102 -10.10 6.99 -37.58
CA THR D 102 -9.29 7.89 -38.39
C THR D 102 -7.80 7.66 -38.16
N LEU D 103 -7.38 7.57 -36.89
CA LEU D 103 -5.97 7.35 -36.60
C LEU D 103 -5.51 6.01 -37.17
N SER D 104 -6.33 4.97 -37.04
CA SER D 104 -5.96 3.69 -37.63
C SER D 104 -5.75 3.84 -39.14
N LEU D 105 -6.71 4.51 -39.80
CA LEU D 105 -6.59 4.72 -41.24
C LEU D 105 -5.31 5.46 -41.58
N VAL D 106 -4.95 6.46 -40.78
CA VAL D 106 -3.75 7.24 -41.06
C VAL D 106 -2.51 6.37 -40.94
N GLU D 107 -2.39 5.62 -39.83
CA GLU D 107 -1.24 4.76 -39.67
C GLU D 107 -1.11 3.77 -40.82
N LEU D 108 -2.23 3.43 -41.46
CA LEU D 108 -2.13 2.41 -42.52
C LEU D 108 -1.20 2.84 -43.66
N PHE D 109 -1.24 4.11 -44.09
CA PHE D 109 -0.39 4.53 -45.20
C PHE D 109 0.69 5.55 -44.85
N LEU D 110 0.89 5.88 -43.58
CA LEU D 110 1.93 6.81 -43.19
C LEU D 110 3.04 6.06 -42.46
N ALA D 111 4.20 6.70 -42.27
CA ALA D 111 5.36 6.00 -41.76
C ALA D 111 5.97 6.68 -40.55
N ASP D 112 6.59 5.85 -39.69
CA ASP D 112 7.23 6.28 -38.44
C ASP D 112 8.63 6.82 -38.65
N VAL D 113 8.94 7.30 -39.86
CA VAL D 113 10.25 7.87 -40.20
C VAL D 113 11.32 6.90 -39.71
N GLU D 114 11.74 6.98 -38.45
CA GLU D 114 12.80 6.07 -38.00
C GLU D 114 13.20 6.23 -36.53
N GLY D 115 13.38 7.48 -36.07
CA GLY D 115 13.91 7.69 -34.73
C GLY D 115 13.02 7.08 -33.66
N LEU D 116 11.71 7.23 -33.82
CA LEU D 116 10.72 6.77 -32.85
C LEU D 116 9.53 6.16 -33.58
N SER D 117 9.18 4.93 -33.17
CA SER D 117 8.10 4.17 -33.81
C SER D 117 6.76 4.49 -33.13
N VAL D 118 6.35 5.75 -33.29
CA VAL D 118 5.07 6.19 -32.74
C VAL D 118 3.88 5.69 -33.55
N LEU D 119 4.03 5.55 -34.87
CA LEU D 119 2.87 5.20 -35.69
C LEU D 119 2.35 3.79 -35.39
N ARG D 120 3.23 2.83 -35.18
CA ARG D 120 2.77 1.52 -34.73
C ARG D 120 2.08 1.61 -33.38
N SER D 121 2.42 2.62 -32.57
CA SER D 121 1.70 2.87 -31.35
C SER D 121 0.27 3.32 -31.65
N PHE D 122 0.09 4.21 -32.64
CA PHE D 122 -1.26 4.57 -33.04
C PHE D 122 -2.04 3.37 -33.57
N ARG D 123 -1.35 2.49 -34.30
CA ARG D 123 -2.02 1.30 -34.83
C ARG D 123 -2.52 0.42 -33.68
N LEU D 124 -1.72 0.27 -32.63
CA LEU D 124 -2.15 -0.51 -31.46
C LEU D 124 -3.25 0.21 -30.67
N LEU D 125 -3.30 1.54 -30.74
CA LEU D 125 -4.27 2.31 -29.95
C LEU D 125 -5.72 1.88 -30.19
N ARG D 126 -6.08 1.55 -31.43
CA ARG D 126 -7.46 1.30 -31.83
C ARG D 126 -8.35 0.52 -30.85
N VAL D 127 -7.78 -0.06 -29.79
CA VAL D 127 -8.49 -1.00 -28.94
C VAL D 127 -9.61 -0.40 -28.09
N PHE D 128 -9.74 0.94 -28.01
CA PHE D 128 -10.75 1.54 -27.15
C PHE D 128 -12.17 1.36 -27.68
N ARG D 129 -12.31 0.84 -28.89
CA ARG D 129 -13.64 0.55 -29.42
C ARG D 129 -14.39 -0.38 -28.49
N LEU D 130 -13.69 -1.29 -27.81
CA LEU D 130 -14.33 -2.22 -26.88
C LEU D 130 -15.19 -1.53 -25.85
N VAL D 131 -14.89 -0.27 -25.55
CA VAL D 131 -15.72 0.51 -24.64
C VAL D 131 -16.62 1.47 -25.41
N THR D 132 -16.12 2.07 -26.49
CA THR D 132 -16.94 3.06 -27.18
C THR D 132 -18.03 2.41 -28.00
N ALA D 133 -17.71 1.32 -28.72
CA ALA D 133 -18.71 0.61 -29.49
C ALA D 133 -19.63 -0.21 -28.61
N VAL D 134 -19.32 -0.33 -27.32
CA VAL D 134 -20.15 -1.09 -26.38
C VAL D 134 -21.03 -0.09 -25.62
N PRO D 135 -22.36 -0.24 -25.64
CA PRO D 135 -23.20 0.72 -24.92
C PRO D 135 -23.15 0.57 -23.41
N GLN D 136 -23.06 -0.67 -22.90
CA GLN D 136 -23.00 -0.85 -21.44
C GLN D 136 -21.75 -0.21 -20.87
N MET D 137 -20.59 -0.51 -21.46
CA MET D 137 -19.36 0.18 -21.08
C MET D 137 -19.52 1.68 -21.23
N ARG D 138 -20.13 2.12 -22.32
CA ARG D 138 -20.34 3.55 -22.52
C ARG D 138 -21.08 4.17 -21.35
N LYS D 139 -22.20 3.56 -20.94
CA LYS D 139 -23.02 4.13 -19.87
C LYS D 139 -22.30 4.08 -18.52
N ILE D 140 -21.65 2.95 -18.22
CA ILE D 140 -20.96 2.83 -16.93
C ILE D 140 -19.83 3.85 -16.84
N VAL D 141 -19.02 3.94 -17.91
CA VAL D 141 -17.93 4.91 -17.96
C VAL D 141 -18.47 6.33 -17.91
N SER D 142 -19.66 6.57 -18.49
CA SER D 142 -20.24 7.90 -18.43
C SER D 142 -20.63 8.27 -17.01
N ALA D 143 -21.17 7.32 -16.25
CA ALA D 143 -21.45 7.55 -14.83
C ALA D 143 -20.16 7.85 -14.07
N LEU D 144 -19.11 7.07 -14.32
CA LEU D 144 -17.86 7.26 -13.59
C LEU D 144 -17.23 8.61 -13.94
N ILE D 145 -17.32 9.03 -15.20
CA ILE D 145 -16.82 10.35 -15.59
C ILE D 145 -17.70 11.46 -15.02
N SER D 146 -18.99 11.19 -14.82
CA SER D 146 -19.88 12.18 -14.20
C SER D 146 -19.52 12.39 -12.74
N VAL D 147 -18.92 11.39 -12.10
CA VAL D 147 -18.49 11.58 -10.72
C VAL D 147 -17.38 12.63 -10.62
N ILE D 148 -16.48 12.66 -11.61
CA ILE D 148 -15.24 13.45 -11.48
C ILE D 148 -15.47 14.93 -11.20
N PRO D 149 -16.38 15.63 -11.90
CA PRO D 149 -16.48 17.08 -11.67
C PRO D 149 -16.74 17.44 -10.22
N GLY D 150 -17.55 16.66 -9.50
CA GLY D 150 -17.74 16.90 -8.08
C GLY D 150 -16.45 16.94 -7.30
N MET D 151 -15.37 16.37 -7.84
CA MET D 151 -14.07 16.35 -7.20
C MET D 151 -12.99 17.13 -7.93
N LEU D 152 -13.30 17.74 -9.08
CA LEU D 152 -12.29 18.54 -9.78
C LEU D 152 -11.59 19.54 -8.86
N SER D 153 -12.31 20.10 -7.88
CA SER D 153 -11.69 21.04 -6.95
C SER D 153 -10.54 20.38 -6.19
N VAL D 154 -10.81 19.19 -5.62
CA VAL D 154 -9.78 18.50 -4.85
C VAL D 154 -8.66 18.04 -5.77
N ILE D 155 -9.01 17.63 -6.99
CA ILE D 155 -8.01 17.24 -7.97
C ILE D 155 -7.02 18.39 -8.20
N ALA D 156 -7.56 19.58 -8.44
CA ALA D 156 -6.71 20.74 -8.70
C ALA D 156 -5.88 21.09 -7.48
N LEU D 157 -6.48 21.01 -6.29
CA LEU D 157 -5.72 21.29 -5.07
C LEU D 157 -4.53 20.36 -4.93
N MET D 158 -4.75 19.05 -5.14
CA MET D 158 -3.67 18.09 -4.99
C MET D 158 -2.61 18.31 -6.05
N THR D 159 -3.03 18.68 -7.27
CA THR D 159 -2.07 18.98 -8.32
C THR D 159 -1.23 20.21 -7.99
N LEU D 160 -1.85 21.23 -7.39
CA LEU D 160 -1.09 22.40 -6.97
C LEU D 160 -0.09 22.05 -5.87
N PHE D 161 -0.50 21.23 -4.91
CA PHE D 161 0.44 20.78 -3.90
C PHE D 161 1.62 20.06 -4.55
N PHE D 162 1.35 19.20 -5.53
CA PHE D 162 2.41 18.52 -6.24
C PHE D 162 3.37 19.53 -6.87
N TYR D 163 2.82 20.53 -7.56
CA TYR D 163 3.64 21.53 -8.24
C TYR D 163 4.54 22.27 -7.26
N ILE D 164 3.98 22.79 -6.17
CA ILE D 164 4.77 23.57 -5.23
C ILE D 164 5.83 22.70 -4.56
N PHE D 165 5.42 21.54 -4.05
CA PHE D 165 6.37 20.64 -3.39
C PHE D 165 7.45 20.18 -4.36
N ALA D 166 7.10 20.04 -5.65
CA ALA D 166 8.09 19.61 -6.63
C ALA D 166 9.13 20.69 -6.83
N ILE D 167 8.70 21.94 -7.00
CA ILE D 167 9.66 23.05 -7.09
C ILE D 167 10.57 23.04 -5.87
N MET D 168 9.95 22.99 -4.69
CA MET D 168 10.69 23.03 -3.43
C MET D 168 11.74 21.93 -3.38
N ALA D 169 11.32 20.69 -3.57
CA ALA D 169 12.23 19.55 -3.52
C ALA D 169 13.34 19.69 -4.54
N THR D 170 12.97 19.87 -5.82
CA THR D 170 13.97 19.95 -6.88
C THR D 170 15.05 20.96 -6.55
N GLN D 171 14.66 22.09 -5.95
CA GLN D 171 15.68 23.05 -5.56
C GLN D 171 16.45 22.59 -4.32
N LEU D 172 15.82 21.82 -3.43
CA LEU D 172 16.54 21.28 -2.27
C LEU D 172 17.40 20.07 -2.64
N PHE D 173 16.75 18.95 -2.98
CA PHE D 173 17.44 17.68 -3.17
C PHE D 173 17.85 17.47 -4.62
N GLY D 174 17.98 18.57 -5.37
CA GLY D 174 18.26 18.47 -6.80
C GLY D 174 19.71 18.27 -7.12
N GLU D 175 20.61 18.86 -6.34
CA GLU D 175 22.02 18.88 -6.69
C GLU D 175 22.61 17.47 -6.69
N ARG D 176 22.50 16.75 -5.58
CA ARG D 176 23.19 15.47 -5.48
C ARG D 176 22.41 14.33 -6.11
N PHE D 177 21.09 14.47 -6.24
CA PHE D 177 20.22 13.40 -6.69
C PHE D 177 19.51 13.80 -7.99
N PRO D 178 20.27 14.08 -9.04
CA PRO D 178 19.61 14.43 -10.31
C PRO D 178 18.82 13.28 -10.89
N GLU D 179 19.18 12.03 -10.56
CA GLU D 179 18.44 10.90 -11.10
C GLU D 179 16.99 10.95 -10.63
N TRP D 180 16.76 11.39 -9.40
CA TRP D 180 15.42 11.50 -8.83
C TRP D 180 14.85 12.93 -8.87
N PHE D 181 15.68 13.96 -8.65
CA PHE D 181 15.18 15.33 -8.51
C PHE D 181 15.92 16.35 -9.37
N GLY D 182 16.67 15.92 -10.39
CA GLY D 182 17.46 16.88 -11.15
C GLY D 182 16.67 18.06 -11.67
N THR D 183 15.43 17.82 -12.10
CA THR D 183 14.58 18.87 -12.65
C THR D 183 13.17 18.69 -12.07
N LEU D 184 12.26 19.51 -12.57
CA LEU D 184 10.87 19.46 -12.11
C LEU D 184 10.19 18.14 -12.47
N GLY D 185 10.55 17.55 -13.61
CA GLY D 185 9.91 16.33 -14.06
C GLY D 185 10.19 15.12 -13.18
N GLU D 186 11.47 14.79 -13.00
CA GLU D 186 11.83 13.67 -12.14
C GLU D 186 11.31 13.87 -10.72
N SER D 187 11.24 15.12 -10.25
CA SER D 187 10.70 15.39 -8.92
C SER D 187 9.20 15.15 -8.86
N PHE D 188 8.46 15.58 -9.88
CA PHE D 188 7.03 15.27 -9.93
C PHE D 188 6.81 13.77 -9.89
N TYR D 189 7.54 13.04 -10.73
CA TYR D 189 7.44 11.59 -10.76
C TYR D 189 7.73 11.00 -9.39
N THR D 190 8.83 11.42 -8.76
CA THR D 190 9.23 10.85 -7.48
C THR D 190 8.22 11.16 -6.39
N LEU D 191 7.61 12.35 -6.42
CA LEU D 191 6.62 12.68 -5.40
C LEU D 191 5.36 11.86 -5.59
N PHE D 192 4.91 11.71 -6.85
CA PHE D 192 3.81 10.81 -7.12
C PHE D 192 4.11 9.39 -6.61
N GLN D 193 5.33 8.91 -6.85
CA GLN D 193 5.73 7.62 -6.31
C GLN D 193 5.54 7.57 -4.80
N VAL D 194 6.10 8.55 -4.09
CA VAL D 194 5.99 8.59 -2.64
C VAL D 194 4.53 8.51 -2.21
N MET D 195 3.65 9.25 -2.91
CA MET D 195 2.23 9.17 -2.57
C MET D 195 1.74 7.74 -2.52
N THR D 196 2.25 6.87 -3.40
CA THR D 196 1.84 5.47 -3.42
C THR D 196 2.49 4.63 -2.33
N LEU D 197 3.48 5.16 -1.61
CA LEU D 197 4.17 4.40 -0.56
C LEU D 197 4.94 3.22 -1.15
N GLU D 198 5.56 3.44 -2.31
CA GLU D 198 6.32 2.40 -3.01
C GLU D 198 7.80 2.67 -2.83
N SER D 199 8.45 1.88 -1.98
CA SER D 199 9.88 2.02 -1.73
C SER D 199 10.21 3.47 -1.44
N TRP D 200 9.38 4.10 -0.59
CA TRP D 200 9.61 5.51 -0.30
C TRP D 200 10.71 5.70 0.73
N SER D 201 10.88 4.75 1.66
CA SER D 201 11.97 4.85 2.62
C SER D 201 13.24 4.18 2.09
N MET D 202 13.15 2.91 1.70
CA MET D 202 14.36 2.16 1.37
C MET D 202 15.01 2.68 0.10
N GLY D 203 14.20 3.09 -0.88
CA GLY D 203 14.75 3.43 -2.18
C GLY D 203 14.96 4.92 -2.39
N ILE D 204 14.35 5.75 -1.55
CA ILE D 204 14.36 7.21 -1.76
C ILE D 204 14.80 7.95 -0.50
N VAL D 205 13.92 8.01 0.49
CA VAL D 205 14.16 8.91 1.62
C VAL D 205 15.44 8.54 2.33
N ARG D 206 15.62 7.25 2.65
CA ARG D 206 16.78 6.84 3.45
C ARG D 206 18.09 7.14 2.74
N PRO D 207 18.26 6.82 1.45
CA PRO D 207 19.46 7.31 0.75
C PRO D 207 19.64 8.82 0.83
N LEU D 208 18.54 9.58 0.73
CA LEU D 208 18.64 11.04 0.83
C LEU D 208 19.15 11.47 2.19
N MET D 209 18.59 10.89 3.26
CA MET D 209 18.97 11.26 4.61
C MET D 209 20.47 11.13 4.82
N GLU D 210 21.11 10.16 4.17
CA GLU D 210 22.55 9.97 4.29
C GLU D 210 23.32 11.27 4.02
N VAL D 211 22.82 12.12 3.12
CA VAL D 211 23.46 13.40 2.82
C VAL D 211 22.70 14.57 3.45
N TYR D 212 21.37 14.63 3.24
CA TYR D 212 20.57 15.69 3.82
C TYR D 212 19.82 15.11 5.02
N PRO D 213 20.31 15.28 6.25
CA PRO D 213 19.75 14.50 7.37
C PRO D 213 18.29 14.79 7.63
N TYR D 214 17.86 16.06 7.53
CA TYR D 214 16.53 16.46 7.92
C TYR D 214 15.52 16.38 6.79
N ALA D 215 15.79 15.57 5.77
CA ALA D 215 14.82 15.36 4.69
C ALA D 215 13.53 14.73 5.20
N TRP D 216 13.58 14.03 6.34
CA TRP D 216 12.37 13.41 6.87
C TRP D 216 11.28 14.44 7.10
N VAL D 217 11.64 15.58 7.71
CA VAL D 217 10.66 16.64 7.97
C VAL D 217 9.95 17.02 6.70
N PHE D 218 10.61 16.84 5.55
CA PHE D 218 10.00 17.13 4.26
C PHE D 218 8.88 16.13 3.97
N PHE D 219 9.22 14.83 3.93
CA PHE D 219 8.33 13.87 3.30
C PHE D 219 7.20 13.41 4.23
N ILE D 220 7.50 13.27 5.53
CA ILE D 220 6.47 12.79 6.45
C ILE D 220 5.25 13.70 6.47
N PRO D 221 5.38 15.01 6.63
CA PRO D 221 4.19 15.86 6.43
C PRO D 221 3.56 15.65 5.07
N PHE D 222 4.37 15.66 4.01
CA PHE D 222 3.87 15.44 2.67
C PHE D 222 3.01 14.19 2.63
N ILE D 223 3.59 13.06 3.03
CA ILE D 223 2.86 11.80 3.15
C ILE D 223 1.52 12.08 3.82
N PHE D 224 1.55 12.60 5.04
CA PHE D 224 0.33 12.95 5.74
C PHE D 224 -0.57 13.67 4.74
N VAL D 225 -0.14 14.87 4.37
CA VAL D 225 -0.99 15.80 3.63
C VAL D 225 -1.63 15.09 2.46
N VAL D 226 -0.81 14.68 1.48
CA VAL D 226 -1.36 14.10 0.28
C VAL D 226 -2.21 12.89 0.62
N THR D 227 -1.67 11.95 1.40
CA THR D 227 -2.46 10.78 1.73
C THR D 227 -3.72 11.21 2.43
N PHE D 228 -3.59 12.12 3.39
CA PHE D 228 -4.77 12.62 4.09
C PHE D 228 -5.74 13.22 3.09
N VAL D 229 -5.24 14.06 2.18
CA VAL D 229 -6.10 14.67 1.17
C VAL D 229 -6.74 13.59 0.32
N MET D 230 -5.98 12.53 -0.01
CA MET D 230 -6.55 11.46 -0.82
C MET D 230 -7.74 10.84 -0.12
N ILE D 231 -7.67 10.74 1.21
CA ILE D 231 -8.82 10.24 1.96
C ILE D 231 -10.02 11.13 1.69
N ASN D 232 -9.83 12.44 1.81
CA ASN D 232 -10.89 13.37 1.50
C ASN D 232 -11.47 13.09 0.12
N LEU D 233 -10.59 12.83 -0.86
CA LEU D 233 -11.08 12.59 -2.21
C LEU D 233 -12.03 11.39 -2.21
N VAL D 234 -11.60 10.27 -1.64
CA VAL D 234 -12.49 9.10 -1.55
C VAL D 234 -13.71 9.46 -0.74
N VAL D 235 -13.50 10.22 0.34
CA VAL D 235 -14.61 10.68 1.17
C VAL D 235 -15.59 11.49 0.35
N ALA D 236 -15.07 12.32 -0.57
CA ALA D 236 -15.99 13.08 -1.42
C ALA D 236 -16.92 12.13 -2.16
N ILE D 237 -16.41 10.99 -2.61
CA ILE D 237 -17.26 9.99 -3.25
C ILE D 237 -18.28 9.47 -2.25
N CYS D 238 -17.83 9.11 -1.05
CA CYS D 238 -18.77 8.69 -0.02
C CYS D 238 -19.74 9.80 0.35
N VAL D 239 -19.41 11.06 0.00
CA VAL D 239 -20.35 12.16 0.15
C VAL D 239 -21.14 12.43 -1.13
N ASP D 240 -20.55 12.15 -2.29
CA ASP D 240 -21.23 12.42 -3.55
C ASP D 240 -22.42 11.50 -3.77
N ALA D 241 -22.46 10.36 -3.08
CA ALA D 241 -23.54 9.40 -3.26
C ALA D 241 -23.62 8.48 -2.07
N TYR E 1 39.30 49.28 -3.71
CA TYR E 1 39.24 48.93 -2.25
C TYR E 1 38.54 47.59 -2.07
N CYS E 2 37.31 47.63 -1.56
CA CYS E 2 36.45 46.47 -1.44
C CYS E 2 35.00 46.91 -1.67
N GLN E 3 34.15 45.93 -1.93
CA GLN E 3 32.75 46.20 -2.24
C GLN E 3 31.94 46.21 -0.94
N LYS E 4 31.24 47.31 -0.70
CA LYS E 4 30.53 47.47 0.56
C LYS E 4 29.23 46.65 0.53
N TRP E 5 28.54 46.65 1.66
CA TRP E 5 27.28 45.94 1.80
C TRP E 5 26.29 46.34 0.70
N MET E 6 25.70 45.33 0.04
CA MET E 6 24.69 45.46 -1.00
C MET E 6 25.23 46.03 -2.31
N TRP E 7 26.54 46.28 -2.43
CA TRP E 7 27.10 46.66 -3.72
C TRP E 7 27.53 45.40 -4.47
N THR E 8 27.50 45.49 -5.80
CA THR E 8 27.84 44.33 -6.64
C THR E 8 29.25 43.84 -6.35
N CYS E 9 29.45 42.53 -6.54
CA CYS E 9 30.71 41.87 -6.27
C CYS E 9 30.94 40.78 -7.31
N ASP E 10 32.20 40.45 -7.50
CA ASP E 10 32.59 39.36 -8.39
C ASP E 10 34.00 38.92 -8.03
N SER E 11 34.60 38.08 -8.88
CA SER E 11 35.87 37.46 -8.53
C SER E 11 36.97 38.49 -8.28
N GLU E 12 36.93 39.63 -8.97
CA GLU E 12 37.97 40.64 -8.79
C GLU E 12 37.57 41.75 -7.82
N ARG E 13 36.27 42.00 -7.64
CA ARG E 13 35.78 43.04 -6.73
C ARG E 13 35.10 42.34 -5.55
N LYS E 14 35.91 41.97 -4.55
CA LYS E 14 35.45 41.18 -3.41
C LYS E 14 34.77 42.07 -2.36
N CYS E 15 34.03 41.40 -1.47
CA CYS E 15 33.32 42.06 -0.37
C CYS E 15 34.26 42.42 0.77
N CYS E 16 33.97 43.55 1.42
CA CYS E 16 34.74 43.99 2.58
C CYS E 16 34.62 42.96 3.70
N GLU E 17 35.52 43.08 4.68
CA GLU E 17 35.57 42.16 5.81
C GLU E 17 34.18 41.95 6.41
N GLY E 18 33.87 40.69 6.74
CA GLY E 18 32.61 40.35 7.38
C GLY E 18 31.44 40.09 6.45
N MET E 19 31.66 40.06 5.13
CA MET E 19 30.59 39.83 4.17
C MET E 19 30.98 38.70 3.24
N VAL E 20 29.99 38.20 2.51
CA VAL E 20 30.16 37.11 1.56
C VAL E 20 29.48 37.49 0.25
N CYS E 21 30.10 37.12 -0.88
CA CYS E 21 29.63 37.52 -2.20
C CYS E 21 28.57 36.54 -2.70
N ARG E 22 27.38 37.06 -3.01
CA ARG E 22 26.33 36.30 -3.69
C ARG E 22 25.67 37.17 -4.76
N LEU E 23 26.47 37.52 -5.78
CA LEU E 23 26.16 38.57 -6.75
C LEU E 23 26.27 39.94 -6.12
N TRP E 24 25.66 40.11 -4.94
CA TRP E 24 25.85 41.29 -4.13
C TRP E 24 26.37 40.85 -2.76
N CYS E 25 26.98 41.80 -2.04
CA CYS E 25 27.61 41.50 -0.77
C CYS E 25 26.55 41.38 0.31
N LYS E 26 26.49 40.21 0.94
CA LYS E 26 25.56 39.94 2.02
C LYS E 26 26.34 39.79 3.31
N LYS E 27 25.63 39.90 4.44
CA LYS E 27 26.26 39.79 5.74
C LYS E 27 26.21 38.35 6.26
N LYS E 28 27.30 37.92 6.90
CA LYS E 28 27.42 36.57 7.40
C LYS E 28 26.79 36.49 8.78
N LEU E 29 25.97 35.45 9.01
CA LEU E 29 25.34 35.29 10.32
C LEU E 29 26.26 35.77 11.42
N TRP E 30 25.70 36.55 12.34
CA TRP E 30 26.44 37.12 13.44
C TRP E 30 27.07 36.03 14.32
N TYR F 1 31.52 -10.76 54.33
CA TYR F 1 30.95 -12.09 53.93
C TYR F 1 30.55 -12.03 52.45
N CYS F 2 29.24 -12.00 52.18
CA CYS F 2 28.73 -11.79 50.83
C CYS F 2 27.46 -10.96 50.92
N GLN F 3 27.07 -10.38 49.79
CA GLN F 3 25.91 -9.49 49.74
C GLN F 3 24.68 -10.30 49.38
N LYS F 4 23.64 -10.23 50.22
CA LYS F 4 22.45 -11.04 50.02
C LYS F 4 21.59 -10.44 48.92
N TRP F 5 20.45 -11.08 48.62
CA TRP F 5 19.56 -10.57 47.58
C TRP F 5 19.25 -9.10 47.84
N MET F 6 19.41 -8.28 46.80
CA MET F 6 19.11 -6.84 46.82
C MET F 6 20.06 -5.99 47.66
N TRP F 7 21.14 -6.54 48.19
CA TRP F 7 22.17 -5.72 48.83
C TRP F 7 23.13 -5.19 47.77
N THR F 8 23.64 -3.98 47.99
CA THR F 8 24.57 -3.37 47.05
C THR F 8 25.81 -4.25 46.88
N CYS F 9 26.39 -4.19 45.69
CA CYS F 9 27.52 -5.04 45.33
C CYS F 9 28.49 -4.27 44.45
N ASP F 10 29.75 -4.68 44.51
CA ASP F 10 30.82 -4.11 43.68
C ASP F 10 32.01 -5.06 43.70
N SER F 11 33.16 -4.58 43.22
CA SER F 11 34.32 -5.45 43.03
C SER F 11 34.75 -6.14 44.32
N GLU F 12 34.62 -5.49 45.48
CA GLU F 12 35.05 -6.14 46.72
C GLU F 12 33.92 -6.79 47.49
N ARG F 13 32.66 -6.38 47.30
CA ARG F 13 31.51 -6.94 48.03
C ARG F 13 30.64 -7.74 47.05
N LYS F 14 30.96 -9.03 46.87
CA LYS F 14 30.32 -9.89 45.89
C LYS F 14 29.00 -10.47 46.38
N CYS F 15 28.20 -10.94 45.43
CA CYS F 15 26.90 -11.56 45.72
C CYS F 15 27.08 -13.01 46.18
N CYS F 16 26.22 -13.44 47.11
CA CYS F 16 26.23 -14.81 47.62
C CYS F 16 25.89 -15.80 46.50
N GLU F 17 26.12 -17.08 46.79
CA GLU F 17 25.87 -18.16 45.83
C GLU F 17 24.51 -18.02 45.16
N GLY F 18 24.50 -18.24 43.84
CA GLY F 18 23.26 -18.24 43.08
C GLY F 18 22.79 -16.88 42.58
N MET F 19 23.58 -15.82 42.72
CA MET F 19 23.18 -14.48 42.33
C MET F 19 24.19 -13.86 41.38
N VAL F 20 23.77 -12.75 40.75
CA VAL F 20 24.63 -11.98 39.84
C VAL F 20 24.50 -10.50 40.18
N CYS F 21 25.61 -9.77 40.10
CA CYS F 21 25.67 -8.35 40.46
C CYS F 21 25.28 -7.48 39.27
N ARG F 22 24.28 -6.61 39.46
CA ARG F 22 23.90 -5.60 38.47
C ARG F 22 23.66 -4.27 39.21
N LEU F 23 24.73 -3.76 39.82
CA LEU F 23 24.69 -2.72 40.84
C LEU F 23 24.12 -3.28 42.14
N TRP F 24 23.02 -4.02 42.05
CA TRP F 24 22.50 -4.79 43.17
C TRP F 24 22.40 -6.25 42.78
N CYS F 25 22.34 -7.11 43.80
CA CYS F 25 22.36 -8.55 43.61
C CYS F 25 21.00 -9.06 43.18
N LYS F 26 20.95 -9.74 42.04
CA LYS F 26 19.72 -10.36 41.59
C LYS F 26 19.88 -11.88 41.67
N LYS F 27 18.73 -12.56 41.73
CA LYS F 27 18.67 -14.01 41.82
C LYS F 27 18.48 -14.60 40.43
N LYS F 28 19.11 -15.75 40.18
CA LYS F 28 19.03 -16.37 38.86
C LYS F 28 17.81 -17.27 38.71
N LEU F 29 17.13 -17.62 39.80
CA LEU F 29 15.96 -18.46 39.65
C LEU F 29 15.23 -18.52 40.99
N TRP F 30 13.94 -18.85 40.94
CA TRP F 30 13.08 -18.98 42.13
C TRP F 30 13.24 -20.34 42.80
N TYR G 1 5.99 -62.78 -6.64
CA TYR G 1 5.56 -62.24 -7.96
C TYR G 1 5.65 -60.70 -7.95
N CYS G 2 4.51 -60.02 -7.91
CA CYS G 2 4.49 -58.56 -7.78
C CYS G 2 3.28 -58.15 -6.95
N GLN G 3 3.30 -56.90 -6.48
CA GLN G 3 2.23 -56.37 -5.66
C GLN G 3 1.16 -55.76 -6.55
N LYS G 4 -0.08 -56.25 -6.44
CA LYS G 4 -1.16 -55.79 -7.28
C LYS G 4 -1.71 -54.45 -6.76
N TRP G 5 -2.71 -53.95 -7.46
CA TRP G 5 -3.36 -52.69 -7.11
C TRP G 5 -3.79 -52.67 -5.65
N MET G 6 -3.46 -51.59 -4.95
CA MET G 6 -3.84 -51.34 -3.56
C MET G 6 -3.17 -52.28 -2.56
N TRP G 7 -2.24 -53.12 -2.98
CA TRP G 7 -1.46 -53.91 -2.05
C TRP G 7 -0.26 -53.13 -1.50
N THR G 8 0.11 -53.44 -0.27
CA THR G 8 1.26 -52.78 0.31
C THR G 8 2.49 -53.05 -0.54
N CYS G 9 3.37 -52.06 -0.60
CA CYS G 9 4.56 -52.12 -1.42
C CYS G 9 5.67 -51.37 -0.73
N ASP G 10 6.90 -51.74 -1.05
CA ASP G 10 8.07 -51.07 -0.51
C ASP G 10 9.28 -51.43 -1.37
N SER G 11 10.48 -51.15 -0.87
CA SER G 11 11.68 -51.28 -1.69
C SER G 11 11.83 -52.70 -2.25
N GLU G 12 11.40 -53.73 -1.51
CA GLU G 12 11.55 -55.09 -2.00
C GLU G 12 10.28 -55.68 -2.62
N ARG G 13 9.09 -55.17 -2.28
CA ARG G 13 7.83 -55.67 -2.84
C ARG G 13 7.23 -54.59 -3.75
N LYS G 14 7.62 -54.63 -5.03
CA LYS G 14 7.26 -53.62 -6.03
C LYS G 14 5.86 -53.87 -6.60
N CYS G 15 5.31 -52.82 -7.21
CA CYS G 15 4.01 -52.90 -7.87
C CYS G 15 4.10 -53.53 -9.25
N CYS G 16 3.04 -54.25 -9.61
CA CYS G 16 2.96 -54.88 -10.93
C CYS G 16 2.96 -53.80 -12.02
N GLU G 17 3.21 -54.25 -13.26
CA GLU G 17 3.30 -53.35 -14.41
C GLU G 17 2.11 -52.37 -14.47
N GLY G 18 2.43 -51.13 -14.80
CA GLY G 18 1.42 -50.10 -14.98
C GLY G 18 1.00 -49.39 -13.71
N MET G 19 1.64 -49.69 -12.58
CA MET G 19 1.29 -49.09 -11.30
C MET G 19 2.55 -48.50 -10.67
N VAL G 20 2.34 -47.63 -9.69
CA VAL G 20 3.41 -46.97 -8.98
C VAL G 20 3.15 -47.07 -7.48
N CYS G 21 4.21 -47.24 -6.70
CA CYS G 21 4.12 -47.44 -5.27
C CYS G 21 4.02 -46.11 -4.55
N ARG G 22 2.96 -45.93 -3.75
CA ARG G 22 2.83 -44.80 -2.85
C ARG G 22 2.31 -45.35 -1.52
N LEU G 23 3.16 -46.19 -0.91
CA LEU G 23 2.81 -47.08 0.20
C LEU G 23 1.93 -48.23 -0.30
N TRP G 24 0.91 -47.91 -1.09
CA TRP G 24 0.15 -48.93 -1.80
C TRP G 24 0.19 -48.64 -3.30
N CYS G 25 -0.14 -49.66 -4.09
CA CYS G 25 -0.01 -49.59 -5.54
C CYS G 25 -1.15 -48.79 -6.15
N LYS G 26 -0.80 -47.71 -6.83
CA LYS G 26 -1.72 -46.82 -7.52
C LYS G 26 -1.52 -46.92 -9.04
N LYS G 27 -2.50 -46.42 -9.77
CA LYS G 27 -2.47 -46.46 -11.24
C LYS G 27 -1.82 -45.19 -11.78
N LYS G 28 -1.05 -45.35 -12.86
CA LYS G 28 -0.31 -44.24 -13.47
C LYS G 28 -1.17 -43.51 -14.51
N LEU G 29 -2.36 -43.09 -14.06
CA LEU G 29 -3.30 -42.36 -14.88
C LEU G 29 -3.34 -42.95 -16.29
N TRP G 30 -3.41 -44.28 -16.32
CA TRP G 30 -3.50 -45.06 -17.55
C TRP G 30 -2.36 -44.73 -18.51
N TYR H 1 12.00 -1.06 -62.27
CA TYR H 1 12.09 0.34 -61.75
C TYR H 1 11.97 0.38 -60.22
N CYS H 2 10.84 0.89 -59.71
CA CYS H 2 10.57 0.91 -58.28
C CYS H 2 9.08 0.75 -58.05
N GLN H 3 8.73 0.41 -56.80
CA GLN H 3 7.34 0.19 -56.40
C GLN H 3 6.75 1.49 -55.86
N LYS H 4 5.66 1.94 -56.47
CA LYS H 4 5.05 3.21 -56.07
C LYS H 4 4.21 3.02 -54.81
N TRP H 5 3.63 4.13 -54.34
CA TRP H 5 2.78 4.12 -53.15
C TRP H 5 1.70 3.06 -53.28
N MET H 6 1.56 2.24 -52.24
CA MET H 6 0.57 1.16 -52.12
C MET H 6 0.82 -0.03 -53.05
N TRP H 7 1.93 -0.07 -53.76
CA TRP H 7 2.30 -1.28 -54.48
C TRP H 7 3.05 -2.22 -53.53
N THR H 8 2.86 -3.52 -53.73
CA THR H 8 3.56 -4.50 -52.92
C THR H 8 5.08 -4.34 -53.09
N CYS H 9 5.82 -4.67 -52.04
CA CYS H 9 7.27 -4.49 -52.04
C CYS H 9 7.93 -5.63 -51.28
N ASP H 10 9.18 -5.88 -51.61
CA ASP H 10 9.98 -6.90 -50.94
C ASP H 10 11.46 -6.64 -51.21
N SER H 11 12.30 -7.63 -50.90
CA SER H 11 13.75 -7.44 -50.93
C SER H 11 14.26 -7.03 -52.31
N GLU H 12 13.63 -7.51 -53.39
CA GLU H 12 14.10 -7.16 -54.73
C GLU H 12 13.29 -6.02 -55.37
N ARG H 13 12.06 -5.77 -54.93
CA ARG H 13 11.20 -4.72 -55.49
C ARG H 13 11.00 -3.61 -54.45
N LYS H 14 11.93 -2.65 -54.43
CA LYS H 14 11.95 -1.58 -53.44
C LYS H 14 10.99 -0.45 -53.78
N CYS H 15 10.68 0.37 -52.77
CA CYS H 15 9.80 1.52 -52.94
C CYS H 15 10.54 2.70 -53.58
N CYS H 16 9.80 3.47 -54.39
CA CYS H 16 10.34 4.67 -55.01
C CYS H 16 10.76 5.69 -53.95
N GLU H 17 11.51 6.70 -54.39
CA GLU H 17 12.02 7.73 -53.49
C GLU H 17 10.94 8.26 -52.55
N GLY H 18 11.33 8.44 -51.28
CA GLY H 18 10.49 9.03 -50.28
C GLY H 18 9.53 8.09 -49.57
N MET H 19 9.60 6.79 -49.82
CA MET H 19 8.69 5.83 -49.22
C MET H 19 9.49 4.73 -48.54
N VAL H 20 8.80 3.96 -47.72
CA VAL H 20 9.41 2.85 -46.97
C VAL H 20 8.51 1.62 -47.11
N CYS H 21 9.14 0.45 -47.18
CA CYS H 21 8.44 -0.82 -47.41
C CYS H 21 7.93 -1.40 -46.09
N ARG H 22 6.62 -1.64 -46.03
CA ARG H 22 5.99 -2.37 -44.92
C ARG H 22 4.98 -3.36 -45.50
N LEU H 23 5.49 -4.32 -46.28
CA LEU H 23 4.70 -5.18 -47.17
C LEU H 23 4.20 -4.36 -48.36
N TRP H 24 3.66 -3.17 -48.10
CA TRP H 24 3.33 -2.19 -49.12
C TRP H 24 4.07 -0.89 -48.84
N CYS H 25 4.19 -0.06 -49.88
CA CYS H 25 4.96 1.17 -49.78
C CYS H 25 4.14 2.25 -49.08
N LYS H 26 4.68 2.78 -47.98
CA LYS H 26 4.03 3.86 -47.24
C LYS H 26 4.83 5.14 -47.42
N LYS H 27 4.19 6.27 -47.14
CA LYS H 27 4.84 7.56 -47.27
C LYS H 27 5.44 8.00 -45.93
N LYS H 28 6.69 8.48 -45.97
CA LYS H 28 7.40 8.97 -44.79
C LYS H 28 7.37 10.50 -44.83
N LEU H 29 6.67 11.12 -43.87
CA LEU H 29 6.60 12.57 -43.83
C LEU H 29 6.30 13.15 -45.22
N TRP H 30 5.21 12.67 -45.84
CA TRP H 30 4.84 13.20 -47.15
C TRP H 30 6.03 13.33 -48.12
C08 6OU I . -0.59 10.19 12.78
C09 6OU I . 0.51 10.80 13.65
C10 6OU I . 1.86 10.12 13.46
C11 6OU I . 2.94 10.74 14.33
C12 6OU I . 4.33 10.20 13.98
C13 6OU I . 5.30 11.27 13.51
C14 6OU I . 6.73 10.76 13.59
C15 6OU I . 7.72 11.46 12.66
C16 6OU I . 9.16 11.22 13.08
O17 6OU I . 9.39 10.63 14.08
O18 6OU I . 10.24 11.72 12.33
C19 6OU I . 11.43 11.01 12.45
C20 6OU I . 12.38 11.67 13.48
C21 6OU I . 13.76 11.04 13.44
O22 6OU I . 14.75 12.03 13.44
P23 6OU I . 16.30 11.48 13.51
O24 6OU I . 16.67 10.75 12.07
O25 6OU I . 16.45 10.48 14.64
O26 6OU I . 17.23 12.63 13.79
O30 6OU I . 11.84 11.47 14.76
C31 6OU I . 12.38 12.22 15.82
O32 6OU I . 13.52 12.56 15.84
C33 6OU I . 11.47 12.61 16.98
C34 6OU I . 12.25 13.16 18.17
C13 6OU J . 8.26 28.11 -18.42
C14 6OU J . 8.83 26.73 -18.07
C15 6OU J . 7.85 25.59 -18.35
C16 6OU J . 8.31 24.25 -17.76
O17 6OU J . 7.50 23.53 -17.29
O18 6OU J . 9.66 23.85 -17.77
C19 6OU J . 10.07 23.07 -16.68
C20 6OU J . 11.24 22.14 -17.07
C21 6OU J . 12.61 22.82 -17.01
O22 6OU J . 13.34 22.59 -18.19
P23 6OU J . 14.93 23.06 -18.26
O24 6OU J . 15.25 23.88 -17.04
O25 6OU J . 15.84 21.84 -18.24
O26 6OU J . 15.23 24.03 -19.57
C27 6OU J . 16.00 25.20 -19.40
C28 6OU J . 17.10 25.18 -20.46
N29 6OU J . 18.38 25.62 -19.94
O30 6OU J . 11.02 21.68 -18.38
C31 6OU J . 9.72 21.17 -18.59
O32 6OU J . 9.29 20.31 -17.90
C33 6OU J . 8.89 21.76 -19.73
C34 6OU J . 9.77 22.45 -20.79
C35 6OU J . 9.24 23.83 -21.22
C36 6OU J . 10.18 24.99 -20.89
C37 6OU J . 11.09 25.39 -22.05
C38 6OU J . 12.37 24.55 -22.08
C39 6OU J . 12.96 24.45 -23.49
C15 6OU K . 9.71 -9.42 21.27
C16 6OU K . 11.12 -9.47 20.70
O17 6OU K . 11.79 -8.50 20.65
O18 6OU K . 11.66 -10.68 20.23
C19 6OU K . 12.87 -11.01 20.87
C20 6OU K . 12.76 -10.76 22.38
C21 6OU K . 14.02 -10.18 23.01
O22 6OU K . 15.16 -10.67 22.36
P23 6OU K . 16.12 -11.75 23.16
O24 6OU K . 15.32 -12.27 24.34
O25 6OU K . 17.36 -11.04 23.65
O26 6OU K . 16.58 -13.03 22.21
C27 6OU K . 17.87 -13.56 22.37
C28 6OU K . 18.77 -12.99 21.28
N29 6OU K . 19.88 -13.89 21.00
O30 6OU K . 12.56 -11.99 23.01
C08 6OU L . -6.46 -11.17 11.78
C09 6OU L . -5.85 -12.54 11.52
C10 6OU L . -4.43 -12.49 10.93
C11 6OU L . -3.48 -13.49 11.60
C12 6OU L . -2.03 -13.33 11.16
C13 6OU L . -1.02 -13.74 12.24
C14 6OU L . 0.38 -14.09 11.69
C15 6OU L . 1.39 -14.47 12.77
C16 6OU L . 2.41 -15.54 12.33
O17 6OU L . 2.55 -15.76 11.18
O18 6OU L . 3.17 -16.26 13.29
C19 6OU L . 3.89 -17.37 12.81
C20 6OU L . 4.27 -18.26 14.01
C21 6OU L . 5.65 -18.92 13.92
O22 6OU L . 6.29 -18.54 12.73
P23 6OU L . 7.89 -18.16 12.76
O24 6OU L . 8.31 -17.79 14.32
O25 6OU L . 8.19 -17.01 11.83
O26 6OU L . 8.70 -19.36 12.29
O30 6OU L . 3.35 -19.33 14.09
C31 6OU L . 1.97 -19.06 14.24
O32 6OU L . 1.49 -18.02 13.94
C33 6OU L . 1.04 -20.13 14.79
C34 6OU L . -0.37 -19.57 14.99
C13 6OU M . 15.08 14.99 27.91
C14 6OU M . 15.41 14.42 26.53
C15 6OU M . 14.47 14.91 25.45
C16 6OU M . 14.28 13.85 24.36
O17 6OU M . 13.19 13.59 23.98
O18 6OU M . 15.41 13.18 23.85
C19 6OU M . 15.17 12.01 23.11
C20 6OU M . 16.42 11.68 22.27
C21 6OU M . 17.72 11.74 23.10
O22 6OU M . 18.58 10.69 22.76
P23 6OU M . 20.07 10.66 23.49
O24 6OU M . 20.53 12.07 23.79
O25 6OU M . 19.93 9.89 24.79
O26 6OU M . 21.22 9.94 22.53
C27 6OU M . 22.55 10.42 22.52
C28 6OU M . 23.07 10.42 23.96
N29 6OU M . 24.30 11.19 24.08
O30 6OU M . 16.56 12.56 21.18
C31 6OU M . 15.68 13.66 21.06
O32 6OU M . 14.73 13.56 20.37
C33 6OU M . 15.96 14.98 21.79
C34 6OU M . 17.36 15.11 22.43
C35 6OU M . 17.34 15.65 23.86
C36 6OU M . 18.64 15.39 24.62
C37 6OU M . 19.84 15.24 23.69
C38 6OU M . 20.97 16.22 24.00
C39 6OU M . 22.36 15.57 23.88
C13 6OU N . -2.89 -23.47 -7.51
C14 6OU N . -1.52 -24.03 -7.07
C15 6OU N . -0.47 -23.96 -8.18
C16 6OU N . 0.85 -24.64 -7.83
O17 6OU N . 1.28 -24.56 -6.73
O18 6OU N . 1.54 -25.37 -8.80
C19 6OU N . 2.33 -26.40 -8.27
C20 6OU N . 1.76 -27.75 -8.69
C21 6OU N . 2.82 -28.85 -8.65
O22 6OU N . 4.03 -28.30 -9.10
P23 6OU N . 4.80 -29.05 -10.37
O24 6OU N . 4.42 -30.51 -10.38
O25 6OU N . 6.30 -28.94 -10.18
O26 6OU N . 4.33 -28.38 -11.80
C27 6OU N . 5.32 -27.88 -12.65
C28 6OU N . 4.76 -27.81 -14.08
N29 6OU N . 5.73 -28.39 -14.99
O30 6OU N . 1.28 -27.64 -10.01
C08 6OU O . -11.15 -8.34 -10.48
C09 6OU O . -10.64 -8.18 -11.91
C10 6OU O . -9.11 -8.17 -12.00
C11 6OU O . -8.58 -9.19 -13.01
C12 6OU O . -7.10 -9.52 -12.81
C13 6OU O . -6.78 -11.01 -12.94
C14 6OU O . -5.28 -11.23 -13.16
C15 6OU O . -4.89 -12.72 -13.26
C16 6OU O . -3.73 -12.97 -14.25
O17 6OU O . -3.51 -12.20 -15.10
O18 6OU O . -2.96 -14.15 -14.17
C19 6OU O . -1.82 -14.24 -15.01
C20 6OU O . -2.14 -15.07 -16.25
C21 6OU O . -0.93 -15.55 -17.07
O22 6OU O . 0.17 -15.79 -16.24
P23 6OU O . 1.54 -16.33 -16.97
O24 6OU O . 1.63 -15.69 -18.50
O25 6OU O . 1.48 -17.83 -17.14
O26 6OU O . 2.75 -15.92 -16.16
O30 6OU O . -2.90 -14.26 -17.10
C31 6OU O . -3.68 -14.91 -18.07
O32 6OU O . -3.25 -15.83 -18.69
C33 6OU O . -5.10 -14.42 -18.35
C34 6OU O . -5.39 -14.33 -19.84
C13 6OU P . -0.65 -30.72 16.63
C14 6OU P . 0.51 -29.77 16.34
C15 6OU P . 0.28 -28.35 16.88
C16 6OU P . 0.86 -27.30 15.94
O17 6OU P . 0.31 -26.27 15.76
O18 6OU P . 2.09 -27.56 15.31
C19 6OU P . 2.44 -26.75 14.21
C20 6OU P . 3.98 -26.61 14.17
C21 6OU P . 4.74 -27.93 14.33
O22 6OU P . 5.59 -28.15 13.24
P23 6OU P . 6.33 -29.63 13.08
O24 6OU P . 5.55 -30.48 12.11
O25 6OU P . 6.31 -30.32 14.44
O26 6OU P . 7.89 -29.50 12.58
C27 6OU P . 8.90 -30.01 13.43
C28 6OU P . 9.73 -31.02 12.64
N29 6OU P . 10.02 -32.19 13.45
O30 6OU P . 4.43 -25.75 15.20
C31 6OU P . 3.54 -25.36 16.20
O32 6OU P . 2.92 -24.35 16.09
C33 6OU P . 3.34 -26.21 17.47
C34 6OU P . 4.36 -27.35 17.64
C35 6OU P . 3.71 -28.71 17.96
C36 6OU P . 4.74 -29.85 17.92
C37 6OU P . 6.13 -29.38 18.36
C38 6OU P . 7.17 -30.50 18.39
C39 6OU P . 8.58 -30.03 18.02
C08 6OU Q . -4.45 13.71 -9.69
C09 6OU Q . -3.35 14.73 -9.95
C10 6OU Q . -1.95 14.25 -9.58
C11 6OU Q . -0.88 14.82 -10.51
C12 6OU Q . 0.46 14.09 -10.44
C13 6OU Q . 0.96 13.59 -11.80
C14 6OU Q . 2.40 13.08 -11.77
C15 6OU Q . 2.93 12.66 -13.14
C16 6OU Q . 4.20 13.39 -13.60
O17 6OU Q . 4.44 14.47 -13.17
O18 6OU Q . 5.07 12.82 -14.54
C19 6OU Q . 6.38 13.34 -14.60
C20 6OU Q . 6.46 14.48 -15.65
C21 6OU Q . 7.84 14.70 -16.29
O22 6OU Q . 8.73 13.70 -15.89
P23 6OU Q . 10.03 13.48 -16.87
O24 6OU Q . 11.18 12.60 -16.07
O25 6OU Q . 10.56 14.84 -17.30
O26 6OU Q . 9.59 12.73 -18.10
O30 6OU Q . 6.07 15.67 -15.01
C31 6OU Q . 5.64 16.69 -15.88
O32 6OU Q . 6.16 16.85 -16.92
C33 6OU Q . 4.47 17.59 -15.47
C34 6OU Q . 4.67 19.01 -16.01
C13 6OU R . -6.96 -16.66 -29.94
C14 6OU R . -5.99 -16.46 -28.78
C15 6OU R . -6.55 -16.94 -27.44
C16 6OU R . -5.71 -16.44 -26.27
O17 6OU R . -6.22 -15.92 -25.34
O18 6OU R . -4.32 -16.63 -26.29
C19 6OU R . -3.53 -15.63 -25.71
C20 6OU R . -2.10 -16.17 -25.55
C21 6OU R . -1.56 -16.77 -26.87
O22 6OU R . -0.16 -16.64 -26.97
P23 6OU R . 0.55 -16.88 -28.45
O24 6OU R . 0.76 -15.55 -29.13
O25 6OU R . -0.41 -17.72 -29.28
O26 6OU R . 2.04 -17.62 -28.36
C27 6OU R . 2.82 -17.71 -29.51
C28 6OU R . 2.92 -19.17 -29.94
N29 6OU R . 3.64 -19.23 -31.19
O30 6OU R . -2.02 -17.18 -24.57
C31 6OU R . -3.18 -17.56 -23.89
O32 6OU R . -3.49 -16.99 -22.89
C33 6OU R . -4.05 -18.69 -24.44
C34 6OU R . -3.45 -19.38 -25.65
C35 6OU R . -4.48 -19.74 -26.73
C36 6OU R . -4.09 -19.27 -28.13
C37 6OU R . -3.27 -20.30 -28.91
C38 6OU R . -1.82 -20.35 -28.44
C39 6OU R . -1.18 -21.73 -28.60
C16 6OU S . 4.54 4.79 -24.23
O18 6OU S . 5.90 4.70 -24.52
C19 6OU S . 6.12 4.03 -25.73
C20 6OU S . 7.05 4.90 -26.58
C21 6OU S . 8.21 4.06 -27.14
O22 6OU S . 8.68 4.65 -28.32
P23 6OU S . 10.08 5.54 -28.27
O24 6OU S . 10.15 6.47 -29.46
O25 6OU S . 10.12 6.40 -27.03
O26 6OU S . 11.40 4.54 -28.32
C27 6OU S . 12.21 4.52 -29.46
C28 6OU S . 13.30 3.49 -29.23
N29 6OU S . 14.29 3.53 -30.28
O30 6OU S . 7.58 5.89 -25.74
C14 6OU T . 13.58 20.14 5.25
C15 6OU T . 15.11 20.06 5.24
C16 6OU T . 15.66 19.53 3.92
O17 6OU T . 14.88 19.18 3.10
O18 6OU T . 17.05 19.46 3.65
C19 6OU T . 17.90 19.78 4.73
C20 6OU T . 18.21 21.28 4.71
C21 6OU T . 19.69 21.61 4.84
O22 6OU T . 20.49 20.75 4.09
P23 6OU T . 22.02 20.47 4.67
O24 6OU T . 21.88 19.89 6.07
O25 6OU T . 22.78 21.78 4.77
O26 6OU T . 22.88 19.44 3.71
C27 6OU T . 24.25 19.29 3.99
C28 6OU T . 25.02 19.30 2.66
N29 6OU T . 26.22 18.50 2.83
O30 6OU T . 17.55 21.88 5.80
C19 6OU U . -4.81 -7.59 -49.24
C20 6OU U . -5.19 -8.78 -50.12
C21 6OU U . -4.56 -8.70 -51.51
O22 6OU U . -3.46 -9.58 -51.59
P23 6OU U . -2.03 -9.20 -50.87
O24 6OU U . -0.94 -9.13 -51.91
O25 6OU U . -2.15 -7.84 -50.23
O26 6OU U . -1.58 -10.36 -49.76
C27 6OU U . -0.33 -11.00 -49.89
C28 6OU U . -0.29 -12.19 -48.93
N29 6OU U . -1.65 -12.64 -48.67
C19 6OU V . 19.52 45.80 -10.09
C20 6OU V . 20.52 45.86 -11.26
C21 6OU V . 21.78 45.00 -11.03
O22 6OU V . 22.65 45.24 -12.09
P23 6OU V . 23.41 43.98 -12.84
O24 6OU V . 23.17 42.76 -11.97
O25 6OU V . 24.90 44.22 -12.93
O26 6OU V . 22.84 43.77 -14.39
C27 6OU V . 23.71 43.51 -15.46
O30 6OU V . 20.93 47.19 -11.49
C31 6OU V . 20.53 47.72 -12.73
O32 6OU V . 20.10 47.00 -13.59
C33 6OU V . 20.61 49.22 -13.02
C21 6OU W . 20.08 1.27 46.66
O22 6OU W . 20.59 2.56 46.42
P23 6OU W . 22.10 2.95 46.93
O24 6OU W . 22.62 1.83 47.81
O25 6OU W . 22.04 4.23 47.73
O26 6OU W . 23.13 3.14 45.64
C27 6OU W . 24.33 3.86 45.80
C28 6OU W . 24.82 4.33 44.44
N29 6OU W . 26.28 4.30 44.43
C19 6OU X . -5.45 -50.52 6.68
C20 6OU X . -4.00 -50.58 7.16
C21 6OU X . -3.01 -49.97 6.18
O22 6OU X . -1.78 -49.85 6.85
P23 6OU X . -0.68 -51.09 6.71
O24 6OU X . -1.01 -51.91 5.49
O25 6OU X . -0.76 -52.00 7.92
O26 6OU X . 0.84 -50.47 6.62
C27 6OU X . 1.29 -49.58 7.62
C28 6OU X . 1.71 -50.40 8.84
N29 6OU X . 1.20 -49.82 10.07
O30 6OU X . -3.65 -51.92 7.43
C31 6OU X . -3.68 -52.26 8.79
O32 6OU X . -4.27 -53.22 9.16
C33 6OU X . -2.96 -51.40 9.82
#